data_1QOT
#
_entry.id   1QOT
#
_cell.length_a   104.770
_cell.length_b   104.770
_cell.length_c   175.190
_cell.angle_alpha   90.00
_cell.angle_beta   90.00
_cell.angle_gamma   120.00
#
_symmetry.space_group_name_H-M   'P 32 2 1'
#
loop_
_entity.id
_entity.type
_entity.pdbx_description
1 polymer 'CHITIN BINDING LECTIN, UEA-II'
2 branched alpha-L-fucopyranose-(1-2)-beta-D-galactopyranose
3 branched alpha-L-fucopyranose-(1-2)-beta-D-galactopyranose-(1-4)-alpha-D-glucopyranose
4 non-polymer 'MANGANESE (II) ION'
5 non-polymer 'CALCIUM ION'
6 non-polymer 2-acetamido-2-deoxy-beta-D-glucopyranose
#
_entity_poly.entity_id   1
_entity_poly.type   'polypeptide(L)'
_entity_poly.pdbx_seq_one_letter_code
;NLSDDLSFNFDKFVPNQKNIIFQGDASVSTTGVLQVTKVSKPTTTSIGRALYAAPIQIWDSITGKVASFATSFSFVVKAD
KSDGVDGLAFFLAPANSQIPSGSSAGMFGLFSSSDSKSSNQIIAVEFDTYFGKAYNPWDPDFKHIGIDVNSIKSIKTVKW
DWRNGEVADVVITYRAPTKSLTVCLSYPSDGTSNIITASVDLKAILPEWVSVGFSGGVGNAAEFETHDVLSWYFTSNLEA
NN
;
_entity_poly.pdbx_strand_id   A,B,C,D
#
loop_
_chem_comp.id
_chem_comp.type
_chem_comp.name
_chem_comp.formula
CA non-polymer 'CALCIUM ION' 'Ca 2'
FUC L-saccharide, alpha linking alpha-L-fucopyranose 'C6 H12 O5'
GAL D-saccharide, beta linking beta-D-galactopyranose 'C6 H12 O6'
GLC D-saccharide, alpha linking alpha-D-glucopyranose 'C6 H12 O6'
MN non-polymer 'MANGANESE (II) ION' 'Mn 2'
NAG D-saccharide, beta linking 2-acetamido-2-deoxy-beta-D-glucopyranose 'C8 H15 N O6'
#
# COMPACT_ATOMS: atom_id res chain seq x y z
N SER A 3 3.64 -6.97 -0.98
CA SER A 3 2.42 -6.47 -0.30
C SER A 3 1.24 -7.45 -0.41
N ASP A 4 0.02 -6.92 -0.44
CA ASP A 4 -1.20 -7.73 -0.54
C ASP A 4 -1.39 -8.28 -1.93
N ASP A 5 -2.14 -9.37 -2.03
CA ASP A 5 -2.42 -9.99 -3.31
C ASP A 5 -3.01 -9.02 -4.35
N LEU A 6 -3.91 -8.13 -3.91
CA LEU A 6 -4.52 -7.17 -4.83
C LEU A 6 -5.12 -5.99 -4.10
N SER A 7 -5.12 -4.84 -4.76
CA SER A 7 -5.72 -3.64 -4.20
C SER A 7 -5.87 -2.61 -5.31
N PHE A 8 -7.11 -2.20 -5.56
CA PHE A 8 -7.41 -1.20 -6.60
C PHE A 8 -8.28 -0.08 -6.05
N ASN A 9 -8.25 1.06 -6.72
CA ASN A 9 -9.04 2.20 -6.29
C ASN A 9 -9.55 3.06 -7.44
N PHE A 10 -10.84 3.35 -7.43
CA PHE A 10 -11.47 4.18 -8.45
C PHE A 10 -12.06 5.38 -7.72
N ASP A 11 -11.54 6.58 -7.95
CA ASP A 11 -12.08 7.79 -7.30
C ASP A 11 -13.22 8.32 -8.11
N LYS A 12 -13.27 7.89 -9.36
CA LYS A 12 -14.30 8.29 -10.29
C LYS A 12 -14.28 7.21 -11.35
N PHE A 13 -15.35 7.09 -12.12
CA PHE A 13 -15.42 6.11 -13.18
C PHE A 13 -15.43 6.86 -14.50
N VAL A 14 -14.88 6.23 -15.54
CA VAL A 14 -14.84 6.85 -16.86
C VAL A 14 -15.81 6.11 -17.78
N PRO A 15 -16.41 6.81 -18.75
CA PRO A 15 -17.34 6.17 -19.67
C PRO A 15 -16.61 5.02 -20.35
N ASN A 16 -17.21 3.84 -20.29
CA ASN A 16 -16.62 2.64 -20.87
C ASN A 16 -15.25 2.27 -20.30
N GLN A 17 -15.21 2.21 -18.97
CA GLN A 17 -14.01 1.84 -18.24
C GLN A 17 -13.73 0.41 -18.65
N LYS A 18 -12.55 0.15 -19.21
CA LYS A 18 -12.23 -1.19 -19.68
C LYS A 18 -11.84 -2.24 -18.66
N ASN A 19 -11.74 -1.85 -17.40
CA ASN A 19 -11.40 -2.83 -16.37
C ASN A 19 -12.62 -3.13 -15.48
N ILE A 20 -13.79 -2.79 -16.01
CA ILE A 20 -15.07 -3.05 -15.34
C ILE A 20 -15.95 -3.73 -16.38
N ILE A 21 -16.49 -4.89 -16.04
CA ILE A 21 -17.36 -5.61 -16.95
C ILE A 21 -18.80 -5.19 -16.67
N PHE A 22 -19.47 -4.69 -17.70
CA PHE A 22 -20.85 -4.23 -17.55
C PHE A 22 -21.85 -5.27 -18.02
N GLN A 23 -22.81 -5.57 -17.16
CA GLN A 23 -23.84 -6.55 -17.47
C GLN A 23 -25.18 -5.87 -17.26
N GLY A 24 -26.17 -6.24 -18.07
CA GLY A 24 -27.48 -5.64 -17.94
C GLY A 24 -27.45 -4.17 -18.33
N ASP A 25 -28.21 -3.35 -17.63
CA ASP A 25 -28.29 -1.92 -17.92
C ASP A 25 -27.21 -1.05 -17.27
N ALA A 26 -26.23 -1.68 -16.61
CA ALA A 26 -25.17 -0.94 -15.93
C ALA A 26 -24.31 -0.16 -16.93
N SER A 27 -23.84 0.99 -16.50
CA SER A 27 -23.01 1.87 -17.32
C SER A 27 -22.55 3.05 -16.48
N VAL A 28 -21.56 3.78 -16.99
CA VAL A 28 -21.07 4.96 -16.29
C VAL A 28 -21.35 6.22 -17.10
N SER A 29 -22.07 7.14 -16.45
CA SER A 29 -22.45 8.42 -17.05
C SER A 29 -21.24 9.28 -17.32
N THR A 30 -21.47 10.36 -18.05
CA THR A 30 -20.40 11.29 -18.38
C THR A 30 -19.94 12.09 -17.16
N THR A 31 -20.70 12.01 -16.08
CA THR A 31 -20.33 12.73 -14.85
C THR A 31 -19.35 11.89 -14.05
N GLY A 32 -19.08 10.68 -14.55
CA GLY A 32 -18.13 9.78 -13.91
C GLY A 32 -18.69 8.93 -12.80
N VAL A 33 -19.99 8.68 -12.84
CA VAL A 33 -20.65 7.88 -11.81
C VAL A 33 -21.17 6.57 -12.40
N LEU A 34 -20.99 5.49 -11.66
CA LEU A 34 -21.45 4.18 -12.08
C LEU A 34 -22.93 4.02 -11.74
N GLN A 35 -23.76 4.02 -12.78
CA GLN A 35 -25.19 3.85 -12.61
C GLN A 35 -25.47 2.38 -12.88
N VAL A 36 -25.45 1.57 -11.82
CA VAL A 36 -25.67 0.14 -11.95
C VAL A 36 -27.06 -0.09 -12.51
N THR A 37 -27.94 0.84 -12.20
CA THR A 37 -29.31 0.80 -12.64
C THR A 37 -29.53 1.96 -13.60
N LYS A 38 -30.15 1.66 -14.73
CA LYS A 38 -30.43 2.63 -15.78
C LYS A 38 -31.29 3.81 -15.35
N VAL A 39 -30.84 5.01 -15.69
CA VAL A 39 -31.57 6.22 -15.36
C VAL A 39 -31.87 6.94 -16.67
N SER A 40 -33.19 7.10 -16.90
CA SER A 40 -33.74 7.75 -18.09
C SER A 40 -35.16 8.23 -17.83
N THR A 43 -38.07 6.51 -18.61
CA THR A 43 -37.97 5.73 -17.37
C THR A 43 -38.31 4.26 -17.65
N THR A 44 -37.70 3.32 -16.91
CA THR A 44 -38.00 1.92 -17.22
C THR A 44 -37.51 0.85 -16.23
N THR A 45 -38.08 -0.35 -16.30
CA THR A 45 -37.71 -1.50 -15.47
C THR A 45 -36.25 -1.74 -15.78
N SER A 46 -35.46 -2.16 -14.79
CA SER A 46 -34.03 -2.35 -15.06
C SER A 46 -33.27 -3.28 -14.12
N ILE A 47 -32.23 -3.89 -14.67
CA ILE A 47 -31.34 -4.78 -13.93
C ILE A 47 -29.94 -4.57 -14.50
N GLY A 48 -28.96 -4.43 -13.62
CA GLY A 48 -27.59 -4.22 -14.07
C GLY A 48 -26.57 -4.70 -13.07
N ARG A 49 -25.39 -5.08 -13.58
CA ARG A 49 -24.29 -5.55 -12.73
C ARG A 49 -22.97 -5.05 -13.31
N ALA A 50 -22.03 -4.69 -12.43
CA ALA A 50 -20.71 -4.22 -12.85
C ALA A 50 -19.66 -4.97 -12.04
N LEU A 51 -18.76 -5.67 -12.73
CA LEU A 51 -17.73 -6.45 -12.06
C LEU A 51 -16.36 -5.96 -12.40
N TYR A 52 -15.42 -6.13 -11.49
CA TYR A 52 -14.04 -5.75 -11.78
C TYR A 52 -13.60 -6.81 -12.78
N ALA A 53 -12.98 -6.37 -13.87
CA ALA A 53 -12.54 -7.26 -14.95
C ALA A 53 -11.72 -8.50 -14.63
N ALA A 54 -10.96 -8.50 -13.56
CA ALA A 54 -10.15 -9.66 -13.22
C ALA A 54 -10.66 -10.43 -12.03
N PRO A 55 -10.61 -11.78 -12.08
CA PRO A 55 -11.06 -12.63 -10.98
C PRO A 55 -10.09 -12.50 -9.83
N ILE A 56 -10.57 -12.83 -8.63
CA ILE A 56 -9.77 -12.74 -7.42
C ILE A 56 -9.76 -14.08 -6.72
N GLN A 57 -8.58 -14.51 -6.26
CA GLN A 57 -8.47 -15.78 -5.55
C GLN A 57 -8.85 -15.52 -4.12
N ILE A 58 -10.05 -15.98 -3.75
CA ILE A 58 -10.57 -15.78 -2.42
C ILE A 58 -10.09 -16.83 -1.39
N TRP A 59 -9.61 -17.97 -1.87
CA TRP A 59 -9.06 -18.99 -0.99
C TRP A 59 -8.21 -19.95 -1.82
N ASP A 60 -7.29 -20.67 -1.18
CA ASP A 60 -6.39 -21.59 -1.88
C ASP A 60 -6.57 -23.03 -1.43
N SER A 61 -6.84 -23.92 -2.38
CA SER A 61 -7.04 -25.33 -2.09
C SER A 61 -5.73 -26.04 -1.73
N ILE A 62 -4.63 -25.55 -2.26
CA ILE A 62 -3.31 -26.12 -1.98
C ILE A 62 -2.95 -25.91 -0.51
N THR A 63 -2.88 -24.65 -0.10
CA THR A 63 -2.53 -24.27 1.27
C THR A 63 -3.66 -24.30 2.31
N GLY A 64 -4.88 -24.00 1.88
CA GLY A 64 -6.00 -23.99 2.82
C GLY A 64 -6.31 -22.57 3.24
N LYS A 65 -5.40 -21.65 2.92
CA LYS A 65 -5.54 -20.22 3.24
C LYS A 65 -6.83 -19.60 2.71
N VAL A 66 -7.40 -18.69 3.49
CA VAL A 66 -8.61 -17.98 3.07
C VAL A 66 -8.21 -16.50 3.06
N ALA A 67 -8.67 -15.78 2.05
CA ALA A 67 -8.36 -14.36 1.92
C ALA A 67 -9.18 -13.46 2.83
N SER A 68 -8.55 -12.40 3.31
CA SER A 68 -9.23 -11.39 4.10
C SER A 68 -9.35 -10.25 3.12
N PHE A 69 -10.45 -9.52 3.12
CA PHE A 69 -10.59 -8.40 2.20
C PHE A 69 -11.33 -7.26 2.86
N ALA A 70 -11.22 -6.10 2.25
CA ALA A 70 -11.90 -4.90 2.73
C ALA A 70 -12.28 -4.12 1.49
N THR A 71 -13.41 -3.43 1.58
CA THR A 71 -13.85 -2.63 0.46
C THR A 71 -14.54 -1.39 0.99
N SER A 72 -14.47 -0.33 0.20
CA SER A 72 -15.07 0.93 0.57
C SER A 72 -15.68 1.54 -0.67
N PHE A 73 -16.85 2.12 -0.53
CA PHE A 73 -17.50 2.74 -1.67
C PHE A 73 -18.58 3.67 -1.18
N SER A 74 -18.90 4.66 -2.01
CA SER A 74 -19.92 5.64 -1.66
C SER A 74 -20.99 5.57 -2.72
N PHE A 75 -22.24 5.45 -2.28
CA PHE A 75 -23.35 5.37 -3.20
C PHE A 75 -24.49 6.33 -2.84
N VAL A 76 -25.37 6.52 -3.81
CA VAL A 76 -26.53 7.39 -3.67
C VAL A 76 -27.71 6.67 -4.28
N VAL A 77 -28.83 6.73 -3.58
CA VAL A 77 -30.08 6.14 -4.06
C VAL A 77 -31.08 7.29 -3.96
N LYS A 78 -31.40 7.86 -5.13
CA LYS A 78 -32.30 8.99 -5.21
C LYS A 78 -33.64 8.60 -5.84
N ALA A 79 -34.70 8.66 -5.03
CA ALA A 79 -36.06 8.32 -5.47
C ALA A 79 -36.82 9.58 -5.89
N ASP A 80 -37.65 9.45 -6.92
CA ASP A 80 -38.45 10.58 -7.40
C ASP A 80 -39.52 10.91 -6.37
N LYS A 81 -40.25 9.89 -5.95
CA LYS A 81 -41.27 10.06 -4.91
C LYS A 81 -40.54 9.94 -3.57
N SER A 82 -41.27 9.65 -2.50
CA SER A 82 -40.65 9.52 -1.18
C SER A 82 -40.04 8.11 -1.03
N ASP A 83 -40.45 7.21 -1.92
CA ASP A 83 -40.01 5.83 -1.90
C ASP A 83 -39.59 5.32 -3.27
N GLY A 84 -38.74 4.29 -3.25
CA GLY A 84 -38.26 3.70 -4.47
C GLY A 84 -38.03 2.21 -4.32
N VAL A 85 -37.59 1.60 -5.42
CA VAL A 85 -37.28 0.18 -5.51
C VAL A 85 -36.10 0.09 -6.49
N ASP A 86 -35.30 -0.97 -6.44
CA ASP A 86 -35.44 -2.09 -5.51
C ASP A 86 -34.30 -2.20 -4.52
N GLY A 87 -33.13 -1.73 -4.93
CA GLY A 87 -31.98 -1.79 -4.06
C GLY A 87 -30.68 -1.99 -4.81
N LEU A 88 -29.60 -2.01 -4.03
CA LEU A 88 -28.25 -2.17 -4.53
C LEU A 88 -27.56 -3.27 -3.75
N ALA A 89 -26.54 -3.88 -4.34
CA ALA A 89 -25.82 -4.95 -3.65
C ALA A 89 -24.37 -5.08 -4.07
N PHE A 90 -23.53 -5.39 -3.09
CA PHE A 90 -22.13 -5.63 -3.36
C PHE A 90 -22.03 -7.13 -3.22
N PHE A 91 -21.41 -7.80 -4.19
CA PHE A 91 -21.34 -9.26 -4.13
C PHE A 91 -20.07 -9.90 -4.63
N LEU A 92 -19.93 -11.16 -4.24
CA LEU A 92 -18.81 -12.01 -4.65
C LEU A 92 -19.53 -13.18 -5.33
N ALA A 93 -19.16 -13.48 -6.56
CA ALA A 93 -19.79 -14.57 -7.29
C ALA A 93 -18.72 -15.37 -8.03
N PRO A 94 -19.08 -16.56 -8.56
CA PRO A 94 -18.09 -17.36 -9.28
C PRO A 94 -17.44 -16.53 -10.39
N ALA A 95 -16.15 -16.76 -10.64
CA ALA A 95 -15.40 -16.01 -11.65
C ALA A 95 -16.15 -15.80 -12.96
N ASN A 96 -16.17 -14.55 -13.42
CA ASN A 96 -16.82 -14.14 -14.67
C ASN A 96 -18.26 -14.67 -14.83
N SER A 97 -19.00 -14.55 -13.75
CA SER A 97 -20.39 -14.97 -13.66
C SER A 97 -21.27 -14.08 -14.54
N GLN A 98 -22.35 -14.65 -15.05
CA GLN A 98 -23.29 -13.92 -15.89
C GLN A 98 -24.62 -13.81 -15.15
N ILE A 99 -25.47 -12.87 -15.56
CA ILE A 99 -26.77 -12.70 -14.90
C ILE A 99 -27.64 -13.92 -15.11
N PRO A 100 -28.12 -14.54 -14.01
CA PRO A 100 -28.98 -15.72 -14.05
C PRO A 100 -30.21 -15.50 -14.91
N SER A 101 -30.61 -16.55 -15.63
CA SER A 101 -31.77 -16.47 -16.51
C SER A 101 -33.05 -16.31 -15.70
N GLY A 102 -33.86 -15.32 -16.08
CA GLY A 102 -35.10 -15.08 -15.36
C GLY A 102 -34.85 -14.52 -13.98
N SER A 103 -34.13 -13.42 -13.91
CA SER A 103 -33.82 -12.82 -12.64
C SER A 103 -34.71 -11.62 -12.38
N SER A 104 -35.20 -11.52 -11.15
CA SER A 104 -36.06 -10.41 -10.75
C SER A 104 -35.19 -9.23 -10.34
N ALA A 105 -35.78 -8.04 -10.34
CA ALA A 105 -35.07 -6.85 -9.90
C ALA A 105 -34.94 -6.96 -8.38
N GLY A 106 -35.95 -7.57 -7.75
CA GLY A 106 -35.95 -7.77 -6.31
C GLY A 106 -34.95 -8.84 -5.89
N MET A 107 -34.38 -9.52 -6.88
CA MET A 107 -33.37 -10.53 -6.68
C MET A 107 -31.99 -9.95 -7.06
N PHE A 108 -32.00 -8.66 -7.43
CA PHE A 108 -30.81 -7.90 -7.80
C PHE A 108 -29.94 -8.51 -8.91
N GLY A 109 -30.55 -9.32 -9.77
CA GLY A 109 -29.81 -9.95 -10.83
C GLY A 109 -28.80 -10.94 -10.31
N LEU A 110 -29.01 -11.42 -9.10
CA LEU A 110 -28.07 -12.37 -8.49
C LEU A 110 -28.67 -13.77 -8.37
N PHE A 111 -30.00 -13.88 -8.34
CA PHE A 111 -30.66 -15.17 -8.19
C PHE A 111 -31.76 -15.51 -9.20
N SER A 112 -31.75 -16.78 -9.63
CA SER A 112 -32.72 -17.35 -10.59
C SER A 112 -34.07 -17.54 -9.91
N SER A 113 -34.02 -17.76 -8.60
CA SER A 113 -35.22 -18.02 -7.79
C SER A 113 -35.13 -17.47 -6.37
N SER A 114 -36.00 -17.97 -5.50
CA SER A 114 -36.05 -17.53 -4.11
C SER A 114 -35.63 -18.62 -3.12
N ASP A 115 -35.01 -19.68 -3.64
CA ASP A 115 -34.55 -20.79 -2.81
C ASP A 115 -33.21 -20.50 -2.15
N SER A 116 -32.62 -21.54 -1.58
CA SER A 116 -31.33 -21.43 -0.92
C SER A 116 -30.37 -22.47 -1.49
N LYS A 117 -30.33 -22.59 -2.82
CA LYS A 117 -29.48 -23.55 -3.52
C LYS A 117 -27.97 -23.34 -3.24
N SER A 118 -27.32 -24.42 -2.84
CA SER A 118 -25.89 -24.43 -2.53
C SER A 118 -25.06 -24.08 -3.76
N SER A 119 -25.59 -24.43 -4.93
CA SER A 119 -24.92 -24.20 -6.19
C SER A 119 -24.88 -22.72 -6.63
N ASN A 120 -25.68 -21.86 -6.00
CA ASN A 120 -25.70 -20.46 -6.34
C ASN A 120 -24.31 -19.84 -6.20
N GLN A 121 -23.65 -20.14 -5.08
CA GLN A 121 -22.30 -19.66 -4.77
C GLN A 121 -22.16 -18.15 -4.79
N ILE A 122 -23.12 -17.47 -4.16
CA ILE A 122 -23.12 -16.02 -4.08
C ILE A 122 -23.11 -15.56 -2.61
N ILE A 123 -22.37 -14.49 -2.37
CA ILE A 123 -22.31 -13.86 -1.05
C ILE A 123 -22.46 -12.38 -1.38
N ALA A 124 -23.50 -11.77 -0.86
CA ALA A 124 -23.74 -10.38 -1.16
C ALA A 124 -24.22 -9.59 0.05
N VAL A 125 -24.03 -8.28 -0.04
CA VAL A 125 -24.45 -7.35 0.98
C VAL A 125 -25.47 -6.48 0.28
N GLU A 126 -26.73 -6.68 0.62
CA GLU A 126 -27.81 -5.92 0.00
C GLU A 126 -28.23 -4.68 0.76
N PHE A 127 -28.64 -3.67 0.01
CA PHE A 127 -29.16 -2.41 0.53
C PHE A 127 -30.55 -2.40 -0.12
N ASP A 128 -31.44 -3.15 0.51
CA ASP A 128 -32.82 -3.38 0.09
C ASP A 128 -33.77 -2.23 0.41
N THR A 129 -34.32 -1.60 -0.62
CA THR A 129 -35.24 -0.49 -0.44
C THR A 129 -36.71 -0.90 -0.52
N TYR A 130 -36.99 -2.02 -1.15
CA TYR A 130 -38.36 -2.52 -1.27
C TYR A 130 -38.56 -3.78 -0.43
N PHE A 131 -39.62 -3.80 0.38
CA PHE A 131 -39.89 -4.92 1.26
C PHE A 131 -41.35 -5.36 1.26
N GLY A 132 -42.08 -5.03 0.20
CA GLY A 132 -43.48 -5.40 0.10
C GLY A 132 -43.72 -6.90 0.14
N LYS A 133 -44.65 -7.34 1.00
CA LYS A 133 -44.98 -8.74 1.16
C LYS A 133 -45.54 -9.41 -0.08
N ALA A 134 -46.29 -8.65 -0.87
CA ALA A 134 -46.89 -9.17 -2.09
C ALA A 134 -45.84 -9.79 -2.99
N TYR A 135 -44.76 -9.05 -3.27
CA TYR A 135 -43.67 -9.55 -4.14
C TYR A 135 -42.40 -10.03 -3.49
N ASN A 136 -42.05 -9.43 -2.35
CA ASN A 136 -40.82 -9.79 -1.65
C ASN A 136 -41.16 -10.35 -0.26
N PRO A 137 -41.81 -11.52 -0.21
CA PRO A 137 -42.17 -12.12 1.08
C PRO A 137 -41.03 -12.48 2.03
N TRP A 138 -39.82 -12.67 1.50
CA TRP A 138 -38.66 -13.03 2.31
C TRP A 138 -38.10 -11.89 3.16
N ASP A 139 -38.28 -10.66 2.67
CA ASP A 139 -37.77 -9.45 3.33
C ASP A 139 -38.47 -9.13 4.65
N PRO A 140 -37.80 -8.35 5.53
CA PRO A 140 -38.37 -7.95 6.82
C PRO A 140 -39.29 -6.75 6.56
N ASP A 141 -39.87 -6.19 7.61
CA ASP A 141 -40.81 -5.07 7.44
C ASP A 141 -40.26 -3.65 7.42
N PHE A 142 -39.13 -3.47 6.75
CA PHE A 142 -38.48 -2.15 6.67
C PHE A 142 -37.31 -2.18 5.70
N LYS A 143 -36.86 -1.00 5.26
CA LYS A 143 -35.70 -0.91 4.38
C LYS A 143 -34.52 -1.45 5.21
N HIS A 144 -33.73 -2.34 4.62
CA HIS A 144 -32.65 -2.98 5.36
C HIS A 144 -31.32 -3.22 4.64
N ILE A 145 -30.31 -3.56 5.44
CA ILE A 145 -29.00 -3.93 4.93
C ILE A 145 -29.02 -5.42 5.27
N GLY A 146 -28.64 -6.28 4.33
CA GLY A 146 -28.67 -7.69 4.62
C GLY A 146 -27.50 -8.47 4.07
N ILE A 147 -27.08 -9.49 4.81
CA ILE A 147 -25.98 -10.34 4.39
C ILE A 147 -26.63 -11.54 3.72
N ASP A 148 -26.39 -11.69 2.42
CA ASP A 148 -26.99 -12.79 1.68
C ASP A 148 -26.00 -13.89 1.39
N VAL A 149 -26.40 -15.13 1.69
CA VAL A 149 -25.55 -16.28 1.45
C VAL A 149 -26.34 -17.35 0.69
N ASN A 150 -26.10 -17.43 -0.62
CA ASN A 150 -26.76 -18.40 -1.49
C ASN A 150 -28.27 -18.24 -1.63
N SER A 151 -28.81 -17.20 -1.00
CA SER A 151 -30.25 -16.95 -1.06
C SER A 151 -30.57 -15.48 -0.84
N ILE A 152 -31.64 -15.03 -1.49
CA ILE A 152 -32.10 -13.65 -1.39
C ILE A 152 -32.71 -13.39 0.00
N LYS A 153 -32.95 -14.46 0.73
CA LYS A 153 -33.47 -14.37 2.09
C LYS A 153 -32.21 -14.25 2.94
N SER A 154 -31.91 -13.01 3.33
CA SER A 154 -30.73 -12.70 4.14
C SER A 154 -30.65 -13.52 5.42
N ILE A 155 -29.43 -13.91 5.79
CA ILE A 155 -29.22 -14.67 7.02
C ILE A 155 -29.25 -13.74 8.23
N LYS A 156 -29.07 -12.44 7.98
CA LYS A 156 -29.09 -11.43 9.03
C LYS A 156 -29.37 -10.07 8.39
N THR A 157 -30.25 -9.29 9.01
CA THR A 157 -30.59 -7.98 8.49
C THR A 157 -30.55 -6.93 9.59
N VAL A 158 -30.68 -5.67 9.19
CA VAL A 158 -30.65 -4.54 10.11
C VAL A 158 -31.39 -3.38 9.44
N LYS A 159 -32.18 -2.65 10.23
CA LYS A 159 -32.93 -1.49 9.74
C LYS A 159 -31.93 -0.55 9.09
N TRP A 160 -32.20 -0.14 7.87
CA TRP A 160 -31.34 0.79 7.16
C TRP A 160 -32.05 2.12 7.11
N ASP A 161 -31.53 3.10 7.84
CA ASP A 161 -32.12 4.44 7.88
C ASP A 161 -31.75 5.22 6.63
N TRP A 162 -32.23 4.74 5.50
CA TRP A 162 -31.97 5.34 4.19
C TRP A 162 -32.33 6.82 4.13
N ARG A 163 -31.48 7.61 3.48
CA ARG A 163 -31.72 9.04 3.31
C ARG A 163 -31.79 9.27 1.80
N ASN A 164 -32.93 9.75 1.34
CA ASN A 164 -33.15 10.01 -0.07
C ASN A 164 -32.17 11.02 -0.67
N GLY A 165 -31.50 10.60 -1.74
CA GLY A 165 -30.56 11.48 -2.43
C GLY A 165 -29.26 11.79 -1.72
N GLU A 166 -29.10 11.33 -0.48
CA GLU A 166 -27.88 11.58 0.27
C GLU A 166 -26.83 10.52 0.00
N VAL A 167 -25.57 10.95 0.04
CA VAL A 167 -24.42 10.07 -0.19
C VAL A 167 -24.12 9.25 1.05
N ALA A 168 -23.98 7.94 0.88
CA ALA A 168 -23.64 7.04 1.98
C ALA A 168 -22.24 6.46 1.78
N ASP A 169 -21.49 6.38 2.87
CA ASP A 169 -20.14 5.81 2.85
C ASP A 169 -20.21 4.43 3.47
N VAL A 170 -19.75 3.41 2.74
CA VAL A 170 -19.80 2.06 3.24
C VAL A 170 -18.40 1.46 3.34
N VAL A 171 -18.16 0.72 4.41
CA VAL A 171 -16.89 0.03 4.61
C VAL A 171 -17.25 -1.39 4.95
N ILE A 172 -16.77 -2.34 4.15
CA ILE A 172 -17.04 -3.75 4.41
C ILE A 172 -15.73 -4.46 4.62
N THR A 173 -15.61 -5.13 5.76
CA THR A 173 -14.38 -5.87 6.06
C THR A 173 -14.71 -7.33 6.33
N TYR A 174 -13.83 -8.22 5.89
CA TYR A 174 -13.99 -9.63 6.15
C TYR A 174 -12.66 -10.08 6.72
N ARG A 175 -12.68 -10.54 7.98
CA ARG A 175 -11.45 -11.00 8.62
C ARG A 175 -11.48 -12.52 8.64
N ALA A 176 -10.73 -13.10 7.71
CA ALA A 176 -10.67 -14.55 7.54
C ALA A 176 -10.50 -15.38 8.81
N PRO A 177 -9.51 -15.03 9.66
CA PRO A 177 -9.29 -15.80 10.90
C PRO A 177 -10.49 -15.93 11.83
N THR A 178 -11.40 -14.97 11.82
CA THR A 178 -12.58 -15.04 12.67
C THR A 178 -13.86 -15.24 11.86
N LYS A 179 -13.73 -15.30 10.53
CA LYS A 179 -14.86 -15.48 9.64
C LYS A 179 -15.92 -14.40 9.87
N SER A 180 -15.44 -13.21 10.22
CA SER A 180 -16.29 -12.09 10.55
C SER A 180 -16.51 -11.06 9.44
N LEU A 181 -17.74 -10.95 8.98
CA LEU A 181 -18.10 -9.98 7.94
C LEU A 181 -18.83 -8.78 8.55
N THR A 182 -18.21 -7.60 8.51
CA THR A 182 -18.80 -6.37 9.07
C THR A 182 -19.13 -5.31 8.02
N VAL A 183 -20.33 -4.74 8.11
CA VAL A 183 -20.76 -3.70 7.17
C VAL A 183 -20.97 -2.42 7.96
N CYS A 184 -20.20 -1.41 7.59
CA CYS A 184 -20.21 -0.11 8.23
C CYS A 184 -20.78 0.96 7.32
N LEU A 185 -22.00 1.41 7.58
CA LEU A 185 -22.59 2.44 6.73
C LEU A 185 -22.83 3.75 7.45
N SER A 186 -22.55 4.87 6.80
CA SER A 186 -22.76 6.17 7.43
C SER A 186 -23.06 7.28 6.44
N TYR A 187 -23.88 8.24 6.87
CA TYR A 187 -24.23 9.38 6.05
C TYR A 187 -23.58 10.62 6.67
N PRO A 188 -22.53 11.14 6.02
CA PRO A 188 -21.86 12.33 6.56
C PRO A 188 -22.78 13.54 6.66
N SER A 189 -23.85 13.54 5.86
CA SER A 189 -24.84 14.61 5.82
C SER A 189 -25.43 14.93 7.18
N ASP A 190 -25.97 13.91 7.86
CA ASP A 190 -26.58 14.11 9.18
C ASP A 190 -26.05 13.19 10.28
N GLY A 191 -24.98 12.46 9.99
CA GLY A 191 -24.40 11.57 10.97
C GLY A 191 -25.13 10.27 11.25
N THR A 192 -26.03 9.87 10.35
CA THR A 192 -26.77 8.62 10.51
C THR A 192 -25.85 7.43 10.23
N SER A 193 -25.86 6.44 11.10
CA SER A 193 -25.00 5.27 10.92
C SER A 193 -25.70 3.95 11.19
N ASN A 194 -25.41 2.96 10.35
CA ASN A 194 -25.97 1.62 10.48
C ASN A 194 -24.80 0.63 10.39
N ILE A 195 -24.85 -0.41 11.23
CA ILE A 195 -23.77 -1.41 11.24
C ILE A 195 -24.36 -2.81 11.42
N ILE A 196 -23.66 -3.79 10.84
CA ILE A 196 -24.09 -5.18 10.91
C ILE A 196 -22.90 -6.10 10.74
N THR A 197 -22.90 -7.19 11.49
CA THR A 197 -21.83 -8.19 11.44
C THR A 197 -22.39 -9.61 11.44
N ALA A 198 -21.76 -10.50 10.68
CA ALA A 198 -22.21 -11.89 10.62
C ALA A 198 -21.05 -12.84 10.37
N SER A 199 -21.20 -14.10 10.75
CA SER A 199 -20.16 -15.10 10.52
C SER A 199 -20.41 -15.77 9.19
N VAL A 200 -19.36 -15.80 8.37
CA VAL A 200 -19.45 -16.41 7.05
C VAL A 200 -18.14 -17.11 6.73
N ASP A 201 -18.23 -18.36 6.28
CA ASP A 201 -17.04 -19.11 5.91
C ASP A 201 -16.99 -19.11 4.38
N LEU A 202 -16.14 -18.28 3.80
CA LEU A 202 -16.03 -18.16 2.35
C LEU A 202 -15.66 -19.46 1.66
N LYS A 203 -14.80 -20.23 2.32
CA LYS A 203 -14.29 -21.52 1.84
C LYS A 203 -15.43 -22.51 1.61
N ALA A 204 -16.44 -22.43 2.47
CA ALA A 204 -17.59 -23.31 2.42
C ALA A 204 -18.67 -22.87 1.43
N ILE A 205 -18.59 -21.62 0.97
CA ILE A 205 -19.60 -21.11 0.06
C ILE A 205 -19.14 -20.76 -1.35
N LEU A 206 -17.97 -20.15 -1.47
CA LEU A 206 -17.48 -19.73 -2.77
C LEU A 206 -16.38 -20.59 -3.36
N PRO A 207 -16.24 -20.55 -4.70
CA PRO A 207 -15.19 -21.32 -5.38
C PRO A 207 -13.86 -20.60 -5.12
N GLU A 208 -12.74 -21.22 -5.53
CA GLU A 208 -11.42 -20.63 -5.31
C GLU A 208 -11.28 -19.23 -5.94
N TRP A 209 -11.79 -19.10 -7.16
CA TRP A 209 -11.73 -17.86 -7.91
C TRP A 209 -13.10 -17.22 -8.06
N VAL A 210 -13.18 -15.96 -7.61
CA VAL A 210 -14.43 -15.21 -7.65
C VAL A 210 -14.29 -13.86 -8.35
N SER A 211 -15.43 -13.24 -8.64
CA SER A 211 -15.52 -11.94 -9.27
C SER A 211 -16.32 -11.05 -8.31
N VAL A 212 -15.83 -9.85 -8.07
CA VAL A 212 -16.53 -8.92 -7.18
C VAL A 212 -17.14 -7.76 -7.95
N GLY A 213 -18.23 -7.21 -7.43
CA GLY A 213 -18.86 -6.10 -8.10
C GLY A 213 -20.15 -5.67 -7.44
N PHE A 214 -20.89 -4.83 -8.15
CA PHE A 214 -22.18 -4.32 -7.67
C PHE A 214 -23.27 -4.73 -8.63
N SER A 215 -24.49 -4.83 -8.10
CA SER A 215 -25.65 -5.15 -8.90
C SER A 215 -26.83 -4.42 -8.27
N GLY A 216 -27.90 -4.28 -9.04
CA GLY A 216 -29.07 -3.59 -8.52
C GLY A 216 -30.21 -3.68 -9.50
N GLY A 217 -31.39 -3.29 -9.06
CA GLY A 217 -32.54 -3.34 -9.95
C GLY A 217 -33.67 -2.42 -9.62
N VAL A 218 -34.49 -2.16 -10.64
CA VAL A 218 -35.69 -1.33 -10.54
C VAL A 218 -36.80 -2.23 -11.09
N GLY A 219 -37.58 -2.79 -10.17
CA GLY A 219 -38.65 -3.69 -10.56
C GLY A 219 -39.91 -3.07 -11.11
N ASN A 220 -40.20 -1.83 -10.69
CA ASN A 220 -41.38 -1.13 -11.15
C ASN A 220 -41.01 0.30 -11.52
N ALA A 221 -41.10 0.61 -12.81
CA ALA A 221 -40.77 1.92 -13.35
C ALA A 221 -41.52 3.10 -12.71
N ALA A 222 -42.62 2.83 -12.03
CA ALA A 222 -43.41 3.87 -11.39
C ALA A 222 -42.83 4.30 -10.04
N GLU A 223 -42.03 3.43 -9.42
CA GLU A 223 -41.41 3.74 -8.14
C GLU A 223 -39.90 3.79 -8.33
N PHE A 224 -39.49 4.52 -9.36
CA PHE A 224 -38.11 4.68 -9.76
C PHE A 224 -37.19 5.36 -8.74
N GLU A 225 -35.92 4.95 -8.76
CA GLU A 225 -34.85 5.47 -7.91
C GLU A 225 -33.52 5.08 -8.56
N THR A 226 -32.48 5.86 -8.29
CA THR A 226 -31.16 5.60 -8.84
C THR A 226 -30.36 4.70 -7.92
N HIS A 227 -29.34 4.05 -8.49
CA HIS A 227 -28.47 3.16 -7.73
C HIS A 227 -27.09 3.45 -8.28
N ASP A 228 -26.57 4.61 -7.88
CA ASP A 228 -25.29 5.11 -8.35
C ASP A 228 -24.14 4.96 -7.36
N VAL A 229 -23.05 4.32 -7.78
CA VAL A 229 -21.90 4.22 -6.91
C VAL A 229 -20.91 5.26 -7.46
N LEU A 230 -20.38 6.06 -6.54
CA LEU A 230 -19.47 7.16 -6.85
C LEU A 230 -17.98 6.84 -6.87
N SER A 231 -17.55 5.99 -5.96
CA SER A 231 -16.15 5.59 -5.84
C SER A 231 -16.08 4.16 -5.32
N TRP A 232 -14.93 3.52 -5.48
CA TRP A 232 -14.77 2.16 -5.04
C TRP A 232 -13.32 1.76 -4.78
N TYR A 233 -13.05 1.35 -3.54
CA TYR A 233 -11.75 0.88 -3.12
C TYR A 233 -11.90 -0.59 -2.71
N PHE A 234 -10.91 -1.41 -3.07
CA PHE A 234 -10.96 -2.82 -2.73
C PHE A 234 -9.58 -3.40 -2.61
N THR A 235 -9.42 -4.30 -1.63
CA THR A 235 -8.16 -4.97 -1.39
C THR A 235 -8.41 -6.32 -0.76
N SER A 236 -7.67 -7.33 -1.21
CA SER A 236 -7.79 -8.67 -0.65
C SER A 236 -6.39 -9.21 -0.44
N ASN A 237 -6.25 -10.23 0.40
CA ASN A 237 -4.95 -10.80 0.67
C ASN A 237 -4.99 -12.21 1.26
N LEU A 238 -4.25 -13.13 0.65
CA LEU A 238 -4.18 -14.53 1.09
C LEU A 238 -3.07 -14.78 2.14
N GLU A 239 -3.49 -15.04 3.38
N SER B 3 -5.67 5.22 -2.14
CA SER B 3 -4.28 4.90 -2.56
C SER B 3 -4.10 4.99 -4.09
N ASP B 4 -3.21 4.15 -4.63
CA ASP B 4 -2.92 4.12 -6.07
C ASP B 4 -4.04 3.46 -6.86
N ASP B 5 -4.13 3.80 -8.14
CA ASP B 5 -5.15 3.21 -9.00
C ASP B 5 -5.15 1.68 -9.00
N LEU B 6 -3.97 1.07 -8.98
CA LEU B 6 -3.87 -0.40 -8.97
C LEU B 6 -2.54 -0.89 -8.48
N SER B 7 -2.54 -2.07 -7.86
CA SER B 7 -1.30 -2.68 -7.40
C SER B 7 -1.59 -4.13 -7.05
N PHE B 8 -0.90 -5.04 -7.73
CA PHE B 8 -1.06 -6.47 -7.50
C PHE B 8 0.29 -7.15 -7.29
N ASN B 9 0.27 -8.31 -6.65
CA ASN B 9 1.50 -9.04 -6.39
C ASN B 9 1.31 -10.55 -6.41
N PHE B 10 2.18 -11.23 -7.17
CA PHE B 10 2.15 -12.68 -7.27
C PHE B 10 3.50 -13.18 -6.77
N ASP B 11 3.52 -13.89 -5.64
CA ASP B 11 4.78 -14.43 -5.11
C ASP B 11 5.07 -15.76 -5.76
N LYS B 12 4.03 -16.34 -6.33
CA LYS B 12 4.11 -17.62 -7.01
C LYS B 12 2.89 -17.64 -7.91
N PHE B 13 2.92 -18.51 -8.90
CA PHE B 13 1.78 -18.62 -9.82
C PHE B 13 1.15 -19.99 -9.59
N VAL B 14 -0.15 -20.07 -9.81
CA VAL B 14 -0.86 -21.35 -9.64
C VAL B 14 -1.29 -21.86 -11.01
N PRO B 15 -1.33 -23.19 -11.18
CA PRO B 15 -1.73 -23.77 -12.46
C PRO B 15 -3.11 -23.22 -12.82
N ASN B 16 -3.21 -22.66 -14.02
CA ASN B 16 -4.45 -22.06 -14.49
C ASN B 16 -4.97 -20.91 -13.63
N GLN B 17 -4.07 -19.97 -13.37
CA GLN B 17 -4.38 -18.78 -12.59
C GLN B 17 -5.43 -18.04 -13.43
N LYS B 18 -6.60 -17.80 -12.84
CA LYS B 18 -7.66 -17.14 -13.59
C LYS B 18 -7.60 -15.63 -13.79
N ASN B 19 -6.58 -14.99 -13.21
CA ASN B 19 -6.44 -13.55 -13.40
C ASN B 19 -5.24 -13.25 -14.30
N ILE B 20 -4.83 -14.27 -15.05
CA ILE B 20 -3.73 -14.15 -16.01
C ILE B 20 -4.25 -14.77 -17.31
N ILE B 21 -4.17 -14.01 -18.40
CA ILE B 21 -4.63 -14.51 -19.68
C ILE B 21 -3.44 -15.15 -20.38
N PHE B 22 -3.58 -16.42 -20.75
CA PHE B 22 -2.51 -17.14 -21.43
C PHE B 22 -2.71 -17.19 -22.92
N GLN B 23 -1.67 -16.77 -23.66
CA GLN B 23 -1.72 -16.78 -25.10
C GLN B 23 -0.53 -17.59 -25.60
N GLY B 24 -0.71 -18.28 -26.71
CA GLY B 24 0.38 -19.09 -27.25
C GLY B 24 0.68 -20.26 -26.34
N ASP B 25 1.96 -20.60 -26.21
CA ASP B 25 2.38 -21.74 -25.38
C ASP B 25 2.60 -21.42 -23.90
N ALA B 26 2.27 -20.21 -23.48
CA ALA B 26 2.44 -19.80 -22.08
C ALA B 26 1.57 -20.64 -21.15
N SER B 27 2.09 -20.88 -19.96
CA SER B 27 1.39 -21.68 -18.95
C SER B 27 2.22 -21.68 -17.67
N VAL B 28 1.60 -22.10 -16.58
CA VAL B 28 2.29 -22.18 -15.30
C VAL B 28 2.40 -23.62 -14.84
N SER B 29 3.64 -24.05 -14.62
CA SER B 29 3.96 -25.39 -14.18
C SER B 29 3.43 -25.66 -12.78
N THR B 30 3.48 -26.92 -12.38
CA THR B 30 3.02 -27.32 -11.06
C THR B 30 3.96 -26.83 -9.96
N THR B 31 5.14 -26.35 -10.33
CA THR B 31 6.10 -25.84 -9.35
C THR B 31 5.75 -24.38 -9.04
N GLY B 32 4.75 -23.85 -9.73
CA GLY B 32 4.31 -22.49 -9.52
C GLY B 32 5.08 -21.42 -10.27
N VAL B 33 5.69 -21.79 -11.39
CA VAL B 33 6.45 -20.84 -12.18
C VAL B 33 5.79 -20.62 -13.54
N LEU B 34 5.77 -19.37 -13.97
CA LEU B 34 5.19 -19.01 -15.25
C LEU B 34 6.20 -19.26 -16.37
N GLN B 35 5.93 -20.28 -17.17
CA GLN B 35 6.80 -20.61 -18.30
C GLN B 35 6.16 -19.98 -19.53
N VAL B 36 6.57 -18.73 -19.83
CA VAL B 36 6.00 -18.01 -20.95
C VAL B 36 6.30 -18.77 -22.22
N THR B 37 7.40 -19.49 -22.18
CA THR B 37 7.85 -20.30 -23.30
C THR B 37 7.77 -21.76 -22.88
N LYS B 38 7.18 -22.57 -23.75
CA LYS B 38 7.01 -24.00 -23.52
C LYS B 38 8.29 -24.79 -23.29
N VAL B 39 8.28 -25.59 -22.24
CA VAL B 39 9.43 -26.43 -21.92
C VAL B 39 8.95 -27.90 -21.92
N SER B 40 9.61 -28.73 -22.73
CA SER B 40 9.25 -30.15 -22.82
C SER B 40 10.45 -31.04 -23.20
N LYS B 41 10.32 -32.34 -22.90
CA LYS B 41 11.37 -33.35 -23.16
C LYS B 41 11.81 -33.21 -24.61
N PRO B 42 10.88 -33.37 -25.57
CA PRO B 42 11.36 -33.19 -26.95
C PRO B 42 11.11 -31.70 -27.27
N THR B 43 12.12 -30.88 -27.02
CA THR B 43 12.05 -29.44 -27.23
C THR B 43 11.42 -29.03 -28.58
N THR B 44 10.62 -27.96 -28.57
CA THR B 44 9.96 -27.47 -29.79
C THR B 44 9.96 -25.92 -29.93
N THR B 45 9.74 -25.44 -31.16
CA THR B 45 9.65 -24.01 -31.48
C THR B 45 8.50 -23.49 -30.63
N SER B 46 8.58 -22.26 -30.13
CA SER B 46 7.52 -21.77 -29.28
C SER B 46 7.37 -20.27 -29.15
N ILE B 47 6.13 -19.83 -28.91
CA ILE B 47 5.79 -18.43 -28.70
C ILE B 47 4.68 -18.40 -27.66
N GLY B 48 4.81 -17.52 -26.67
CA GLY B 48 3.81 -17.42 -25.63
C GLY B 48 3.74 -16.05 -25.00
N ARG B 49 2.55 -15.69 -24.51
CA ARG B 49 2.34 -14.41 -23.83
C ARG B 49 1.39 -14.60 -22.66
N ALA B 50 1.61 -13.87 -21.58
CA ALA B 50 0.76 -13.93 -20.39
C ALA B 50 0.44 -12.51 -19.96
N LEU B 51 -0.85 -12.18 -19.92
CA LEU B 51 -1.27 -10.84 -19.54
C LEU B 51 -2.10 -10.85 -18.27
N TYR B 52 -2.04 -9.76 -17.52
CA TYR B 52 -2.87 -9.66 -16.33
C TYR B 52 -4.27 -9.49 -16.92
N ALA B 53 -5.22 -10.26 -16.39
CA ALA B 53 -6.60 -10.26 -16.87
C ALA B 53 -7.35 -8.94 -17.02
N ALA B 54 -7.02 -7.93 -16.25
CA ALA B 54 -7.71 -6.64 -16.35
C ALA B 54 -6.89 -5.56 -16.99
N PRO B 55 -7.51 -4.73 -17.86
CA PRO B 55 -6.82 -3.63 -18.53
C PRO B 55 -6.48 -2.56 -17.51
N ILE B 56 -5.49 -1.72 -17.83
CA ILE B 56 -5.05 -0.66 -16.96
C ILE B 56 -5.11 0.66 -17.70
N GLN B 57 -5.63 1.69 -17.03
CA GLN B 57 -5.71 3.01 -17.65
C GLN B 57 -4.35 3.67 -17.47
N ILE B 58 -3.60 3.74 -18.58
CA ILE B 58 -2.27 4.31 -18.56
C ILE B 58 -2.23 5.84 -18.69
N TRP B 59 -3.32 6.43 -19.18
CA TRP B 59 -3.43 7.89 -19.29
C TRP B 59 -4.89 8.26 -19.47
N ASP B 60 -5.24 9.50 -19.13
CA ASP B 60 -6.63 9.97 -19.23
C ASP B 60 -6.78 11.10 -20.23
N SER B 61 -7.68 10.92 -21.20
CA SER B 61 -7.94 11.94 -22.22
C SER B 61 -8.73 13.14 -21.66
N ILE B 62 -9.54 12.89 -20.63
CA ILE B 62 -10.32 13.95 -19.99
C ILE B 62 -9.38 14.94 -19.30
N THR B 63 -8.62 14.44 -18.33
CA THR B 63 -7.68 15.27 -17.56
C THR B 63 -6.31 15.54 -18.20
N GLY B 64 -5.80 14.59 -18.97
CA GLY B 64 -4.50 14.77 -19.60
C GLY B 64 -3.43 14.05 -18.80
N LYS B 65 -3.79 13.59 -17.59
CA LYS B 65 -2.91 12.86 -16.69
C LYS B 65 -2.29 11.61 -17.33
N VAL B 66 -1.04 11.34 -17.00
CA VAL B 66 -0.35 10.14 -17.48
C VAL B 66 0.02 9.35 -16.22
N ALA B 67 -0.13 8.04 -16.29
CA ALA B 67 0.16 7.18 -15.16
C ALA B 67 1.65 6.89 -14.98
N SER B 68 2.06 6.79 -13.72
CA SER B 68 3.44 6.43 -13.40
C SER B 68 3.26 5.00 -12.93
N PHE B 69 4.19 4.12 -13.26
CA PHE B 69 4.07 2.75 -12.80
C PHE B 69 5.44 2.18 -12.46
N ALA B 70 5.42 1.07 -11.73
CA ALA B 70 6.62 0.38 -11.34
C ALA B 70 6.28 -1.10 -11.36
N THR B 71 7.26 -1.91 -11.70
CA THR B 71 7.04 -3.34 -11.73
C THR B 71 8.32 -4.03 -11.30
N SER B 72 8.14 -5.20 -10.69
CA SER B 72 9.26 -5.99 -10.24
C SER B 72 8.98 -7.45 -10.52
N PHE B 73 9.98 -8.17 -10.98
CA PHE B 73 9.80 -9.58 -11.27
C PHE B 73 11.14 -10.26 -11.34
N SER B 74 11.14 -11.57 -11.08
CA SER B 74 12.37 -12.34 -11.11
C SER B 74 12.19 -13.43 -12.15
N PHE B 75 13.16 -13.54 -13.04
CA PHE B 75 13.10 -14.54 -14.09
C PHE B 75 14.39 -15.34 -14.22
N VAL B 76 14.28 -16.46 -14.91
CA VAL B 76 15.40 -17.36 -15.16
C VAL B 76 15.32 -17.78 -16.62
N VAL B 77 16.49 -17.79 -17.27
CA VAL B 77 16.61 -18.21 -18.65
C VAL B 77 17.72 -19.25 -18.60
N LYS B 78 17.31 -20.52 -18.69
CA LYS B 78 18.23 -21.64 -18.63
C LYS B 78 18.39 -22.34 -19.98
N ALA B 79 19.58 -22.23 -20.54
CA ALA B 79 19.90 -22.86 -21.84
C ALA B 79 20.55 -24.22 -21.65
N ASP B 80 20.22 -25.17 -22.53
CA ASP B 80 20.80 -26.51 -22.48
C ASP B 80 22.28 -26.42 -22.82
N LYS B 81 22.58 -25.79 -23.96
CA LYS B 81 23.96 -25.60 -24.38
C LYS B 81 24.47 -24.35 -23.66
N SER B 82 25.52 -23.72 -24.18
CA SER B 82 26.04 -22.51 -23.55
C SER B 82 25.25 -21.29 -24.00
N ASP B 83 24.47 -21.48 -25.06
CA ASP B 83 23.66 -20.41 -25.64
C ASP B 83 22.23 -20.84 -25.95
N GLY B 84 21.35 -19.85 -26.00
CA GLY B 84 19.96 -20.11 -26.28
C GLY B 84 19.32 -18.98 -27.05
N VAL B 85 18.03 -19.16 -27.36
CA VAL B 85 17.20 -18.21 -28.09
C VAL B 85 15.80 -18.35 -27.49
N ASP B 86 14.95 -17.34 -27.59
CA ASP B 86 15.22 -16.07 -28.24
C ASP B 86 15.25 -14.89 -27.29
N GLY B 87 14.49 -15.01 -26.20
CA GLY B 87 14.44 -13.94 -25.24
C GLY B 87 13.08 -13.82 -24.57
N LEU B 88 13.02 -12.86 -23.65
CA LEU B 88 11.83 -12.57 -22.87
C LEU B 88 11.55 -11.07 -22.93
N ALA B 89 10.29 -10.69 -22.73
CA ALA B 89 9.93 -9.28 -22.77
C ALA B 89 8.78 -8.92 -21.88
N PHE B 90 8.86 -7.73 -21.29
CA PHE B 90 7.77 -7.22 -20.46
C PHE B 90 7.19 -6.14 -21.35
N PHE B 91 5.88 -6.13 -21.54
CA PHE B 91 5.29 -5.14 -22.43
C PHE B 91 3.95 -4.58 -22.04
N LEU B 92 3.63 -3.46 -22.67
CA LEU B 92 2.35 -2.77 -22.52
C LEU B 92 1.80 -2.77 -23.93
N ALA B 93 0.59 -3.26 -24.11
CA ALA B 93 -0.03 -3.32 -25.42
C ALA B 93 -1.49 -2.89 -25.33
N PRO B 94 -2.15 -2.63 -26.47
CA PRO B 94 -3.56 -2.23 -26.42
C PRO B 94 -4.39 -3.24 -25.62
N ALA B 95 -5.38 -2.76 -24.88
CA ALA B 95 -6.23 -3.62 -24.05
C ALA B 95 -6.65 -4.93 -24.70
N ASN B 96 -6.45 -6.03 -23.98
CA ASN B 96 -6.80 -7.37 -24.44
C ASN B 96 -6.34 -7.70 -25.87
N SER B 97 -5.08 -7.35 -26.12
CA SER B 97 -4.40 -7.57 -27.39
C SER B 97 -4.16 -9.06 -27.60
N GLN B 98 -4.16 -9.47 -28.87
CA GLN B 98 -3.92 -10.86 -29.24
C GLN B 98 -2.60 -10.94 -29.99
N ILE B 99 -2.01 -12.13 -30.06
CA ILE B 99 -0.74 -12.31 -30.76
C ILE B 99 -0.90 -12.01 -32.26
N PRO B 100 -0.09 -11.07 -32.79
CA PRO B 100 -0.13 -10.68 -34.20
C PRO B 100 0.04 -11.89 -35.11
N SER B 101 -0.68 -11.87 -36.23
CA SER B 101 -0.63 -12.94 -37.20
C SER B 101 0.75 -13.00 -37.86
N GLY B 102 1.35 -14.19 -37.88
CA GLY B 102 2.67 -14.34 -38.48
C GLY B 102 3.74 -13.67 -37.66
N SER B 103 3.83 -14.04 -36.40
CA SER B 103 4.81 -13.45 -35.53
C SER B 103 6.00 -14.37 -35.33
N SER B 104 7.19 -13.81 -35.37
CA SER B 104 8.42 -14.57 -35.20
C SER B 104 8.71 -14.70 -33.72
N ALA B 105 9.53 -15.68 -33.37
CA ALA B 105 9.93 -15.87 -31.98
C ALA B 105 10.90 -14.72 -31.66
N GLY B 106 11.67 -14.31 -32.66
CA GLY B 106 12.61 -13.21 -32.51
C GLY B 106 11.91 -11.87 -32.40
N MET B 107 10.60 -11.90 -32.62
CA MET B 107 9.75 -10.72 -32.52
C MET B 107 8.96 -10.80 -31.20
N PHE B 108 9.22 -11.87 -30.44
CA PHE B 108 8.59 -12.15 -29.15
C PHE B 108 7.06 -12.16 -29.14
N GLY B 109 6.46 -12.47 -30.28
CA GLY B 109 5.01 -12.50 -30.38
C GLY B 109 4.40 -11.12 -30.18
N LEU B 110 5.19 -10.08 -30.40
CA LEU B 110 4.71 -8.71 -30.24
C LEU B 110 4.55 -7.97 -31.57
N PHE B 111 5.27 -8.41 -32.60
CA PHE B 111 5.22 -7.75 -33.90
C PHE B 111 4.99 -8.63 -35.12
N SER B 112 4.16 -8.13 -36.04
CA SER B 112 3.80 -8.79 -37.30
C SER B 112 4.97 -8.73 -38.27
N SER B 113 5.78 -7.69 -38.12
CA SER B 113 6.92 -7.46 -39.00
C SER B 113 8.12 -6.81 -38.29
N SER B 114 9.03 -6.26 -39.09
CA SER B 114 10.23 -5.61 -38.56
C SER B 114 10.25 -4.10 -38.78
N ASP B 115 9.10 -3.53 -39.12
CA ASP B 115 8.96 -2.10 -39.35
C ASP B 115 8.79 -1.32 -38.07
N SER B 116 8.44 -0.05 -38.20
CA SER B 116 8.22 0.83 -37.06
C SER B 116 6.85 1.47 -37.16
N LYS B 117 5.84 0.66 -37.47
CA LYS B 117 4.46 1.13 -37.62
C LYS B 117 3.89 1.77 -36.34
N SER B 118 3.37 2.97 -36.50
CA SER B 118 2.77 3.75 -35.41
C SER B 118 1.55 3.03 -34.81
N SER B 119 0.89 2.26 -35.65
CA SER B 119 -0.29 1.52 -35.26
C SER B 119 -0.02 0.32 -34.35
N ASN B 120 1.23 -0.11 -34.26
CA ASN B 120 1.57 -1.25 -33.40
C ASN B 120 1.14 -1.00 -31.94
N GLN B 121 1.44 0.20 -31.44
CA GLN B 121 1.10 0.62 -30.10
C GLN B 121 1.63 -0.29 -29.00
N ILE B 122 2.89 -0.66 -29.13
CA ILE B 122 3.55 -1.52 -28.15
C ILE B 122 4.78 -0.84 -27.56
N ILE B 123 4.97 -1.06 -26.26
CA ILE B 123 6.14 -0.56 -25.56
C ILE B 123 6.59 -1.75 -24.76
N ALA B 124 7.82 -2.20 -25.01
CA ALA B 124 8.31 -3.37 -24.32
C ALA B 124 9.76 -3.25 -23.91
N VAL B 125 10.13 -4.06 -22.92
CA VAL B 125 11.48 -4.11 -22.42
C VAL B 125 11.92 -5.53 -22.73
N GLU B 126 12.81 -5.68 -23.70
CA GLU B 126 13.27 -6.99 -24.12
C GLU B 126 14.58 -7.42 -23.47
N PHE B 127 14.68 -8.73 -23.26
CA PHE B 127 15.87 -9.37 -22.70
C PHE B 127 16.18 -10.34 -23.82
N ASP B 128 16.85 -9.79 -24.83
CA ASP B 128 17.22 -10.47 -26.07
C ASP B 128 18.47 -11.35 -25.95
N THR B 129 18.29 -12.65 -26.13
CA THR B 129 19.40 -13.59 -26.04
C THR B 129 20.03 -13.95 -27.39
N TYR B 130 19.27 -13.78 -28.48
CA TYR B 130 19.75 -14.08 -29.82
C TYR B 130 19.94 -12.80 -30.61
N PHE B 131 21.10 -12.67 -31.23
CA PHE B 131 21.43 -11.46 -32.00
C PHE B 131 22.07 -11.75 -33.35
N GLY B 132 21.86 -12.95 -33.87
CA GLY B 132 22.44 -13.32 -35.16
C GLY B 132 21.98 -12.44 -36.30
N LYS B 133 22.93 -11.95 -37.09
CA LYS B 133 22.67 -11.08 -38.24
C LYS B 133 21.83 -11.71 -39.33
N ALA B 134 22.01 -13.01 -39.55
CA ALA B 134 21.27 -13.73 -40.58
C ALA B 134 19.78 -13.56 -40.38
N TYR B 135 19.34 -13.89 -39.19
CA TYR B 135 17.93 -13.82 -38.95
C TYR B 135 17.38 -12.64 -38.05
N ASN B 136 18.24 -11.90 -37.30
CA ASN B 136 17.86 -10.73 -36.47
C ASN B 136 18.81 -9.56 -36.80
N PRO B 137 18.75 -9.03 -38.03
CA PRO B 137 19.62 -7.92 -38.43
C PRO B 137 19.51 -6.60 -37.64
N TRP B 138 18.38 -6.37 -36.99
CA TRP B 138 18.14 -5.15 -36.22
C TRP B 138 18.90 -5.09 -34.90
N ASP B 139 19.15 -6.27 -34.32
CA ASP B 139 19.84 -6.39 -33.04
C ASP B 139 21.31 -5.98 -33.06
N PRO B 140 21.88 -5.61 -31.89
CA PRO B 140 23.28 -5.21 -31.78
C PRO B 140 24.12 -6.51 -31.71
N ASP B 141 25.43 -6.39 -31.55
CA ASP B 141 26.29 -7.57 -31.54
C ASP B 141 26.55 -8.26 -30.21
N PHE B 142 25.52 -8.40 -29.40
CA PHE B 142 25.63 -9.03 -28.08
C PHE B 142 24.27 -9.20 -27.45
N LYS B 143 24.18 -10.08 -26.44
CA LYS B 143 22.92 -10.28 -25.71
C LYS B 143 22.63 -8.93 -25.03
N HIS B 144 21.40 -8.45 -25.16
CA HIS B 144 21.05 -7.13 -24.65
C HIS B 144 19.69 -6.94 -23.98
N ILE B 145 19.54 -5.79 -23.32
CA ILE B 145 18.29 -5.39 -22.70
C ILE B 145 17.93 -4.23 -23.64
N GLY B 146 16.69 -4.18 -24.11
CA GLY B 146 16.33 -3.10 -25.01
C GLY B 146 14.96 -2.52 -24.77
N ILE B 147 14.84 -1.22 -24.99
CA ILE B 147 13.57 -0.53 -24.84
C ILE B 147 12.96 -0.48 -26.23
N ASP B 148 11.83 -1.16 -26.41
CA ASP B 148 11.18 -1.20 -27.71
C ASP B 148 9.96 -0.31 -27.78
N VAL B 149 9.89 0.51 -28.82
CA VAL B 149 8.76 1.40 -29.02
C VAL B 149 8.22 1.27 -30.43
N ASN B 150 7.14 0.53 -30.57
CA ASN B 150 6.48 0.29 -31.85
C ASN B 150 7.30 -0.48 -32.88
N SER B 151 8.47 -0.94 -32.46
CA SER B 151 9.37 -1.68 -33.36
C SER B 151 10.30 -2.59 -32.58
N ILE B 152 10.64 -3.72 -33.20
CA ILE B 152 11.53 -4.71 -32.60
C ILE B 152 12.97 -4.18 -32.60
N LYS B 153 13.19 -3.09 -33.34
CA LYS B 153 14.49 -2.45 -33.38
C LYS B 153 14.43 -1.46 -32.21
N SER B 154 15.05 -1.86 -31.10
CA SER B 154 15.10 -1.07 -29.88
C SER B 154 15.63 0.35 -30.11
N ILE B 155 15.05 1.31 -29.41
CA ILE B 155 15.49 2.70 -29.51
C ILE B 155 16.76 2.91 -28.68
N LYS B 156 17.01 1.99 -27.75
CA LYS B 156 18.18 2.05 -26.90
C LYS B 156 18.44 0.66 -26.33
N THR B 157 19.70 0.24 -26.34
CA THR B 157 20.08 -1.08 -25.82
C THR B 157 21.26 -0.97 -24.87
N VAL B 158 21.56 -2.09 -24.22
CA VAL B 158 22.67 -2.18 -23.28
C VAL B 158 23.09 -3.64 -23.19
N LYS B 159 24.39 -3.87 -23.12
CA LYS B 159 24.95 -5.23 -23.01
C LYS B 159 24.31 -5.87 -21.77
N TRP B 160 23.75 -7.05 -21.96
CA TRP B 160 23.14 -7.78 -20.86
C TRP B 160 24.07 -8.93 -20.51
N ASP B 161 24.69 -8.84 -19.34
CA ASP B 161 25.60 -9.90 -18.88
C ASP B 161 24.82 -11.10 -18.35
N TRP B 162 24.08 -11.74 -19.23
CA TRP B 162 23.26 -12.89 -18.92
C TRP B 162 24.03 -14.01 -18.22
N ARG B 163 23.40 -14.62 -17.22
CA ARG B 163 24.00 -15.73 -16.48
C ARG B 163 23.06 -16.92 -16.68
N ASN B 164 23.58 -17.98 -17.28
CA ASN B 164 22.79 -19.17 -17.55
C ASN B 164 22.23 -19.82 -16.30
N GLY B 165 20.91 -20.00 -16.29
CA GLY B 165 20.25 -20.66 -15.17
C GLY B 165 20.14 -19.89 -13.88
N GLU B 166 20.75 -18.71 -13.82
CA GLU B 166 20.70 -17.89 -12.61
C GLU B 166 19.47 -17.00 -12.60
N VAL B 167 18.95 -16.75 -11.39
CA VAL B 167 17.77 -15.91 -11.19
C VAL B 167 18.16 -14.43 -11.27
N ALA B 168 17.41 -13.66 -12.05
CA ALA B 168 17.64 -12.23 -12.19
C ALA B 168 16.48 -11.46 -11.59
N ASP B 169 16.80 -10.36 -10.89
CA ASP B 169 15.78 -9.51 -10.28
C ASP B 169 15.71 -8.25 -11.11
N VAL B 170 14.52 -7.92 -11.58
CA VAL B 170 14.32 -6.74 -12.40
C VAL B 170 13.35 -5.76 -11.77
N VAL B 171 13.69 -4.48 -11.85
CA VAL B 171 12.82 -3.42 -11.35
C VAL B 171 12.68 -2.41 -12.49
N ILE B 172 11.45 -2.17 -12.91
CA ILE B 172 11.22 -1.22 -13.98
C ILE B 172 10.34 -0.12 -13.46
N THR B 173 10.79 1.12 -13.59
CA THR B 173 10.02 2.25 -13.12
C THR B 173 9.80 3.23 -14.27
N TYR B 174 8.62 3.83 -14.30
CA TYR B 174 8.31 4.84 -15.29
C TYR B 174 7.79 6.03 -14.52
N ARG B 175 8.52 7.14 -14.56
CA ARG B 175 8.09 8.36 -13.86
C ARG B 175 7.49 9.32 -14.89
N ALA B 176 6.16 9.36 -14.91
CA ALA B 176 5.41 10.18 -15.84
C ALA B 176 5.87 11.62 -16.01
N PRO B 177 6.07 12.36 -14.89
CA PRO B 177 6.51 13.75 -15.00
C PRO B 177 7.81 14.00 -15.77
N THR B 178 8.70 13.03 -15.80
CA THR B 178 9.95 13.18 -16.54
C THR B 178 10.03 12.27 -17.76
N LYS B 179 8.97 11.47 -17.96
CA LYS B 179 8.89 10.54 -19.10
C LYS B 179 10.10 9.61 -19.10
N SER B 180 10.58 9.29 -17.90
CA SER B 180 11.77 8.46 -17.72
C SER B 180 11.51 6.99 -17.43
N LEU B 181 11.93 6.12 -18.34
CA LEU B 181 11.78 4.68 -18.15
C LEU B 181 13.13 4.04 -17.79
N THR B 182 13.23 3.53 -16.56
CA THR B 182 14.47 2.89 -16.07
C THR B 182 14.34 1.38 -15.82
N VAL B 183 15.31 0.61 -16.30
CA VAL B 183 15.32 -0.83 -16.11
C VAL B 183 16.51 -1.21 -15.26
N CYS B 184 16.23 -1.79 -14.11
CA CYS B 184 17.22 -2.19 -13.14
C CYS B 184 17.34 -3.70 -13.05
N LEU B 185 18.40 -4.29 -13.58
CA LEU B 185 18.55 -5.74 -13.50
C LEU B 185 19.76 -6.16 -12.68
N SER B 186 19.58 -7.19 -11.85
CA SER B 186 20.68 -7.68 -11.03
C SER B 186 20.60 -9.16 -10.71
N TYR B 187 21.76 -9.79 -10.60
CA TYR B 187 21.86 -11.21 -10.26
C TYR B 187 22.44 -11.32 -8.86
N PRO B 188 21.60 -11.68 -7.88
CA PRO B 188 22.10 -11.80 -6.51
C PRO B 188 23.19 -12.86 -6.36
N SER B 189 23.22 -13.80 -7.30
CA SER B 189 24.19 -14.90 -7.32
C SER B 189 25.63 -14.42 -7.27
N ASP B 190 26.01 -13.52 -8.19
CA ASP B 190 27.37 -13.00 -8.24
C ASP B 190 27.47 -11.48 -8.24
N GLY B 191 26.36 -10.80 -8.00
CA GLY B 191 26.36 -9.35 -7.97
C GLY B 191 26.44 -8.62 -9.30
N THR B 192 26.15 -9.32 -10.40
CA THR B 192 26.17 -8.71 -11.73
C THR B 192 24.96 -7.81 -11.89
N SER B 193 25.18 -6.59 -12.38
CA SER B 193 24.08 -5.64 -12.55
C SER B 193 24.13 -4.89 -13.88
N ASN B 194 22.96 -4.71 -14.48
CA ASN B 194 22.82 -4.00 -15.75
C ASN B 194 21.69 -2.98 -15.57
N ILE B 195 21.88 -1.79 -16.10
CA ILE B 195 20.87 -0.73 -16.00
C ILE B 195 20.74 0.05 -17.30
N ILE B 196 19.55 0.55 -17.56
CA ILE B 196 19.28 1.30 -18.76
C ILE B 196 18.09 2.25 -18.52
N THR B 197 18.18 3.45 -19.08
CA THR B 197 17.10 4.45 -18.99
C THR B 197 16.86 5.13 -20.32
N ALA B 198 15.59 5.42 -20.60
CA ALA B 198 15.25 6.07 -21.85
C ALA B 198 14.01 6.96 -21.69
N SER B 199 13.85 7.96 -22.56
CA SER B 199 12.68 8.83 -22.51
C SER B 199 11.59 8.27 -23.39
N VAL B 200 10.40 8.14 -22.82
CA VAL B 200 9.27 7.61 -23.54
C VAL B 200 8.01 8.34 -23.11
N ASP B 201 7.23 8.79 -24.09
CA ASP B 201 5.98 9.48 -23.79
C ASP B 201 4.86 8.48 -24.07
N LEU B 202 4.30 7.89 -23.00
CA LEU B 202 3.24 6.89 -23.13
C LEU B 202 2.01 7.39 -23.86
N LYS B 203 1.68 8.65 -23.61
CA LYS B 203 0.53 9.33 -24.18
C LYS B 203 0.59 9.36 -25.71
N ALA B 204 1.82 9.50 -26.23
CA ALA B 204 2.06 9.57 -27.65
C ALA B 204 2.15 8.22 -28.33
N ILE B 205 2.29 7.16 -27.55
CA ILE B 205 2.42 5.83 -28.12
C ILE B 205 1.30 4.84 -27.85
N LEU B 206 0.80 4.83 -26.62
CA LEU B 206 -0.24 3.88 -26.24
C LEU B 206 -1.64 4.45 -26.11
N PRO B 207 -2.66 3.59 -26.27
CA PRO B 207 -4.05 4.03 -26.14
C PRO B 207 -4.32 4.26 -24.65
N GLU B 208 -5.48 4.81 -24.32
CA GLU B 208 -5.83 5.10 -22.93
C GLU B 208 -5.79 3.85 -22.03
N TRP B 209 -6.33 2.75 -22.55
CA TRP B 209 -6.39 1.48 -21.85
C TRP B 209 -5.46 0.44 -22.45
N VAL B 210 -4.57 -0.08 -21.61
CA VAL B 210 -3.58 -1.06 -22.02
C VAL B 210 -3.62 -2.33 -21.18
N SER B 211 -2.91 -3.35 -21.65
CA SER B 211 -2.78 -4.64 -20.98
C SER B 211 -1.29 -4.87 -20.78
N VAL B 212 -0.89 -5.29 -19.59
CA VAL B 212 0.53 -5.54 -19.33
C VAL B 212 0.80 -7.02 -19.14
N GLY B 213 2.02 -7.44 -19.47
CA GLY B 213 2.36 -8.84 -19.32
C GLY B 213 3.73 -9.17 -19.85
N PHE B 214 3.98 -10.47 -19.99
CA PHE B 214 5.26 -10.96 -20.49
C PHE B 214 5.03 -11.77 -21.75
N SER B 215 6.05 -11.83 -22.59
CA SER B 215 6.01 -12.62 -23.81
C SER B 215 7.41 -13.11 -24.06
N GLY B 216 7.53 -14.13 -24.89
CA GLY B 216 8.85 -14.67 -25.19
C GLY B 216 8.76 -15.71 -26.29
N GLY B 217 9.91 -16.12 -26.80
CA GLY B 217 9.90 -17.12 -27.85
C GLY B 217 11.17 -17.93 -27.99
N VAL B 218 11.01 -19.09 -28.62
CA VAL B 218 12.09 -20.01 -28.93
C VAL B 218 11.96 -20.25 -30.42
N GLY B 219 12.83 -19.59 -31.18
CA GLY B 219 12.79 -19.69 -32.63
C GLY B 219 13.36 -20.94 -33.25
N ASN B 220 14.32 -21.55 -32.58
CA ASN B 220 14.97 -22.77 -33.07
C ASN B 220 15.09 -23.76 -31.92
N ALA B 221 14.32 -24.85 -32.03
CA ALA B 221 14.30 -25.88 -31.02
C ALA B 221 15.67 -26.45 -30.63
N ALA B 222 16.65 -26.34 -31.53
CA ALA B 222 18.00 -26.85 -31.29
C ALA B 222 18.82 -26.01 -30.32
N GLU B 223 18.45 -24.74 -30.19
CA GLU B 223 19.14 -23.83 -29.27
C GLU B 223 18.17 -23.41 -28.17
N PHE B 224 17.49 -24.40 -27.61
CA PHE B 224 16.49 -24.22 -26.57
C PHE B 224 16.98 -23.61 -25.26
N GLU B 225 16.08 -22.87 -24.61
CA GLU B 225 16.29 -22.22 -23.32
C GLU B 225 14.93 -21.89 -22.75
N THR B 226 14.84 -21.80 -21.41
CA THR B 226 13.59 -21.49 -20.74
C THR B 226 13.43 -20.00 -20.57
N HIS B 227 12.18 -19.58 -20.37
CA HIS B 227 11.85 -18.17 -20.16
C HIS B 227 10.80 -18.20 -19.07
N ASP B 228 11.27 -18.45 -17.86
CA ASP B 228 10.42 -18.59 -16.68
C ASP B 228 10.41 -17.39 -15.75
N VAL B 229 9.22 -16.84 -15.47
CA VAL B 229 9.16 -15.74 -14.53
C VAL B 229 8.64 -16.38 -13.24
N LEU B 230 9.32 -16.06 -12.14
CA LEU B 230 9.04 -16.61 -10.81
C LEU B 230 8.05 -15.85 -9.94
N SER B 231 8.10 -14.52 -10.02
CA SER B 231 7.23 -13.66 -9.23
C SER B 231 6.98 -12.37 -10.01
N TRP B 232 5.94 -11.64 -9.62
CA TRP B 232 5.60 -10.41 -10.33
C TRP B 232 4.81 -9.42 -9.48
N TYR B 233 5.38 -8.22 -9.32
CA TYR B 233 4.75 -7.14 -8.60
C TYR B 233 4.51 -6.02 -9.60
N PHE B 234 3.37 -5.34 -9.49
CA PHE B 234 3.06 -4.25 -10.40
C PHE B 234 2.12 -3.25 -9.74
N THR B 235 2.36 -1.97 -10.02
CA THR B 235 1.54 -0.90 -9.49
C THR B 235 1.58 0.28 -10.43
N SER B 236 0.43 0.91 -10.65
CA SER B 236 0.34 2.09 -11.51
C SER B 236 -0.51 3.11 -10.79
N ASN B 237 -0.42 4.37 -11.20
CA ASN B 237 -1.21 5.43 -10.58
C ASN B 237 -1.33 6.69 -11.42
N LEU B 238 -2.57 7.15 -11.62
CA LEU B 238 -2.87 8.36 -12.38
C LEU B 238 -2.85 9.64 -11.54
N GLU B 239 -1.84 10.49 -11.77
N SER C 3 2.78 7.03 -2.78
CA SER C 3 1.57 6.57 -2.05
C SER C 3 1.13 7.58 -0.96
N ASP C 4 0.54 7.07 0.11
CA ASP C 4 0.06 7.90 1.23
C ASP C 4 1.22 8.40 2.08
N ASP C 5 0.98 9.52 2.78
CA ASP C 5 1.99 10.10 3.65
C ASP C 5 2.56 9.11 4.67
N LEU C 6 1.72 8.25 5.24
CA LEU C 6 2.19 7.27 6.22
C LEU C 6 1.21 6.12 6.39
N SER C 7 1.75 4.95 6.71
CA SER C 7 0.93 3.78 6.96
C SER C 7 1.79 2.71 7.64
N PHE C 8 1.39 2.31 8.84
CA PHE C 8 2.10 1.30 9.60
C PHE C 8 1.16 0.22 10.11
N ASN C 9 1.72 -0.95 10.42
CA ASN C 9 0.90 -2.05 10.89
C ASN C 9 1.63 -2.94 11.88
N PHE C 10 0.99 -3.21 13.02
CA PHE C 10 1.53 -4.06 14.06
C PHE C 10 0.56 -5.22 14.23
N ASP C 11 0.99 -6.43 13.89
CA ASP C 11 0.12 -7.61 14.04
C ASP C 11 0.25 -8.15 15.44
N LYS C 12 1.34 -7.76 16.09
CA LYS C 12 1.63 -8.16 17.44
C LYS C 12 2.61 -7.12 17.93
N PHE C 13 2.77 -7.02 19.24
CA PHE C 13 3.69 -6.06 19.81
C PHE C 13 4.82 -6.85 20.46
N VAL C 14 6.01 -6.28 20.49
CA VAL C 14 7.16 -6.93 21.10
C VAL C 14 7.52 -6.21 22.39
N PRO C 15 8.04 -6.93 23.38
CA PRO C 15 8.42 -6.30 24.65
C PRO C 15 9.42 -5.19 24.35
N ASN C 16 9.12 -3.99 24.83
CA ASN C 16 9.95 -2.82 24.60
C ASN C 16 10.13 -2.46 23.13
N GLN C 17 9.00 -2.35 22.44
CA GLN C 17 8.96 -2.00 21.04
C GLN C 17 9.51 -0.58 20.99
N LYS C 18 10.59 -0.37 20.23
CA LYS C 18 11.20 0.95 20.18
C LYS C 18 10.54 2.04 19.34
N ASN C 19 9.46 1.69 18.63
CA ASN C 19 8.77 2.69 17.83
C ASN C 19 7.42 3.04 18.47
N ILE C 20 7.29 2.70 19.75
CA ILE C 20 6.09 3.01 20.54
C ILE C 20 6.60 3.67 21.82
N ILE C 21 6.09 4.86 22.13
CA ILE C 21 6.49 5.57 23.33
C ILE C 21 5.54 5.17 24.45
N PHE C 22 6.09 4.65 25.55
CA PHE C 22 5.28 4.23 26.68
C PHE C 22 5.23 5.27 27.77
N GLN C 23 4.03 5.63 28.19
CA GLN C 23 3.84 6.61 29.24
C GLN C 23 2.98 5.96 30.32
N GLY C 24 3.24 6.32 31.57
CA GLY C 24 2.46 5.75 32.66
C GLY C 24 2.76 4.28 32.82
N ASP C 25 1.75 3.50 33.14
CA ASP C 25 1.90 2.06 33.35
C ASP C 25 1.82 1.18 32.09
N ALA C 26 1.73 1.82 30.92
CA ALA C 26 1.63 1.09 29.66
C ALA C 26 2.89 0.26 29.40
N SER C 27 2.70 -0.90 28.77
CA SER C 27 3.78 -1.82 28.46
C SER C 27 3.23 -2.97 27.65
N VAL C 28 4.13 -3.74 27.04
CA VAL C 28 3.71 -4.90 26.27
C VAL C 28 4.23 -6.18 26.90
N SER C 29 3.28 -7.07 27.22
CA SER C 29 3.56 -8.36 27.84
C SER C 29 4.35 -9.25 26.92
N THR C 30 4.84 -10.35 27.47
CA THR C 30 5.62 -11.32 26.70
C THR C 30 4.75 -12.07 25.71
N THR C 31 3.43 -11.96 25.85
CA THR C 31 2.52 -12.64 24.93
C THR C 31 2.33 -11.79 23.69
N GLY C 32 2.94 -10.61 23.69
CA GLY C 32 2.88 -9.71 22.55
C GLY C 32 1.65 -8.81 22.50
N VAL C 33 1.06 -8.55 23.66
CA VAL C 33 -0.11 -7.69 23.73
C VAL C 33 0.20 -6.38 24.47
N LEU C 34 -0.32 -5.29 23.94
CA LEU C 34 -0.12 -3.98 24.54
C LEU C 34 -1.12 -3.78 25.69
N GLN C 35 -0.62 -3.79 26.92
CA GLN C 35 -1.46 -3.59 28.08
C GLN C 35 -1.31 -2.13 28.46
N VAL C 36 -2.19 -1.28 27.91
CA VAL C 36 -2.12 0.15 28.18
C VAL C 36 -2.30 0.39 29.66
N THR C 37 -3.03 -0.52 30.28
CA THR C 37 -3.31 -0.47 31.70
C THR C 37 -2.63 -1.65 32.36
N LYS C 38 -1.93 -1.37 33.44
CA LYS C 38 -1.19 -2.37 34.20
C LYS C 38 -2.03 -3.52 34.75
N VAL C 39 -1.56 -4.74 34.51
CA VAL C 39 -2.24 -5.93 35.01
C VAL C 39 -1.26 -6.69 35.91
N SER C 40 -1.62 -6.83 37.18
CA SER C 40 -0.77 -7.51 38.15
C SER C 40 -1.58 -8.01 39.34
N LYS C 41 -0.98 -8.91 40.11
CA LYS C 41 -1.62 -9.46 41.29
C LYS C 41 -0.67 -9.15 42.46
N PRO C 42 -1.14 -8.36 43.46
CA PRO C 42 -2.47 -7.76 43.54
C PRO C 42 -2.69 -6.61 42.55
N THR C 43 -3.96 -6.37 42.21
CA THR C 43 -4.34 -5.30 41.28
C THR C 43 -4.20 -3.90 41.89
N THR C 44 -3.77 -2.94 41.07
CA THR C 44 -3.56 -1.57 41.52
C THR C 44 -4.16 -0.47 40.60
N THR C 45 -4.33 0.74 41.15
CA THR C 45 -4.84 1.90 40.40
C THR C 45 -3.84 2.11 39.27
N SER C 46 -4.31 2.53 38.10
CA SER C 46 -3.38 2.69 37.00
C SER C 46 -3.80 3.64 35.88
N ILE C 47 -2.78 4.21 35.23
CA ILE C 47 -2.96 5.11 34.09
C ILE C 47 -1.80 4.84 33.14
N GLY C 48 -2.09 4.71 31.86
CA GLY C 48 -1.05 4.47 30.88
C GLY C 48 -1.41 4.96 29.49
N ARG C 49 -0.38 5.30 28.71
CA ARG C 49 -0.57 5.77 27.34
C ARG C 49 0.57 5.22 26.47
N ALA C 50 0.25 4.90 25.22
CA ALA C 50 1.25 4.38 24.27
C ALA C 50 1.08 5.13 22.95
N LEU C 51 2.13 5.80 22.51
CA LEU C 51 2.07 6.57 21.28
C LEU C 51 3.02 6.03 20.25
N TYR C 52 2.68 6.22 18.97
CA TYR C 52 3.60 5.80 17.91
C TYR C 52 4.73 6.83 18.03
N ALA C 53 5.96 6.34 18.01
CA ALA C 53 7.15 7.18 18.15
C ALA C 53 7.32 8.42 17.28
N ALA C 54 6.75 8.43 16.09
CA ALA C 54 6.89 9.59 15.20
C ALA C 54 5.62 10.40 15.07
N PRO C 55 5.76 11.75 15.05
CA PRO C 55 4.60 12.65 14.91
C PRO C 55 4.05 12.53 13.51
N ILE C 56 2.79 12.91 13.35
CA ILE C 56 2.11 12.85 12.06
C ILE C 56 1.55 14.22 11.70
N GLN C 57 1.75 14.64 10.46
CA GLN C 57 1.23 15.93 10.02
C GLN C 57 -0.22 15.73 9.65
N ILE C 58 -1.09 16.22 10.51
CA ILE C 58 -2.52 16.08 10.33
C ILE C 58 -3.15 17.13 9.41
N TRP C 59 -2.46 18.25 9.22
CA TRP C 59 -2.91 19.31 8.31
C TRP C 59 -1.75 20.22 7.98
N ASP C 60 -1.84 20.92 6.85
CA ASP C 60 -0.76 21.81 6.41
C ASP C 60 -1.19 23.26 6.35
N SER C 61 -0.45 24.14 7.05
CA SER C 61 -0.75 25.57 7.08
C SER C 61 -0.40 26.25 5.75
N ILE C 62 0.59 25.71 5.04
CA ILE C 62 1.01 26.28 3.75
C ILE C 62 -0.12 26.10 2.73
N THR C 63 -0.48 24.85 2.47
CA THR C 63 -1.52 24.52 1.49
C THR C 63 -2.98 24.59 1.98
N GLY C 64 -3.20 24.31 3.25
CA GLY C 64 -4.56 24.35 3.78
C GLY C 64 -5.15 22.96 3.85
N LYS C 65 -4.46 22.00 3.21
CA LYS C 65 -4.86 20.58 3.17
C LYS C 65 -5.05 19.97 4.57
N VAL C 66 -6.05 19.11 4.69
CA VAL C 66 -6.29 18.40 5.94
C VAL C 66 -6.14 16.92 5.61
N ALA C 67 -5.52 16.17 6.51
CA ALA C 67 -5.31 14.75 6.30
C ALA C 67 -6.53 13.89 6.58
N SER C 68 -6.67 12.83 5.79
CA SER C 68 -7.74 11.87 5.99
C SER C 68 -6.98 10.69 6.56
N PHE C 69 -7.55 9.99 7.54
CA PHE C 69 -6.86 8.86 8.10
C PHE C 69 -7.83 7.74 8.45
N ALA C 70 -7.29 6.55 8.64
CA ALA C 70 -8.08 5.39 9.00
C ALA C 70 -7.21 4.57 9.93
N THR C 71 -7.85 3.91 10.88
CA THR C 71 -7.13 3.09 11.81
C THR C 71 -7.97 1.87 12.17
N SER C 72 -7.29 0.79 12.48
CA SER C 72 -7.95 -0.44 12.83
C SER C 72 -7.18 -1.08 13.96
N PHE C 73 -7.90 -1.62 14.93
CA PHE C 73 -7.25 -2.27 16.06
C PHE C 73 -8.23 -3.17 16.77
N SER C 74 -7.69 -4.18 17.44
CA SER C 74 -8.53 -5.12 18.17
C SER C 74 -8.12 -5.07 19.62
N PHE C 75 -9.11 -4.92 20.49
CA PHE C 75 -8.83 -4.85 21.92
C PHE C 75 -9.74 -5.76 22.73
N VAL C 76 -9.34 -5.98 23.97
CA VAL C 76 -10.06 -6.82 24.92
C VAL C 76 -10.06 -6.10 26.24
N VAL C 77 -11.23 -6.10 26.90
CA VAL C 77 -11.39 -5.50 28.21
C VAL C 77 -12.00 -6.63 29.03
N LYS C 78 -11.17 -7.23 29.87
CA LYS C 78 -11.57 -8.35 30.72
C LYS C 78 -11.67 -7.96 32.20
N ALA C 79 -12.89 -7.97 32.72
CA ALA C 79 -13.14 -7.63 34.12
C ALA C 79 -13.19 -8.87 34.99
N ASP C 80 -12.69 -8.76 36.22
CA ASP C 80 -12.70 -9.89 37.15
C ASP C 80 -14.13 -10.16 37.58
N LYS C 81 -14.82 -9.11 38.02
CA LYS C 81 -16.22 -9.22 38.42
C LYS C 81 -17.04 -9.07 37.12
N SER C 82 -18.32 -8.73 37.24
CA SER C 82 -19.16 -8.56 36.06
C SER C 82 -18.96 -7.17 35.46
N ASP C 83 -18.33 -6.30 36.24
CA ASP C 83 -18.08 -4.92 35.85
C ASP C 83 -16.67 -4.47 36.13
N GLY C 84 -16.23 -3.46 35.38
CA GLY C 84 -14.91 -2.92 35.56
C GLY C 84 -14.86 -1.43 35.27
N VAL C 85 -13.67 -0.87 35.44
CA VAL C 85 -13.39 0.55 35.20
C VAL C 85 -11.97 0.58 34.64
N ASP C 86 -11.58 1.63 33.91
CA ASP C 86 -12.41 2.78 33.58
C ASP C 86 -12.71 2.91 32.12
N GLY C 87 -11.81 2.39 31.29
CA GLY C 87 -12.01 2.46 29.86
C GLY C 87 -10.72 2.61 29.08
N LEU C 88 -10.87 2.63 27.77
CA LEU C 88 -9.77 2.74 26.83
C LEU C 88 -10.08 3.86 25.84
N ALA C 89 -9.05 4.45 25.25
CA ALA C 89 -9.25 5.51 24.28
C ALA C 89 -8.18 5.60 23.21
N PHE C 90 -8.62 5.93 22.00
CA PHE C 90 -7.69 6.13 20.90
C PHE C 90 -7.70 7.63 20.75
N PHE C 91 -6.54 8.26 20.67
CA PHE C 91 -6.51 9.71 20.58
C PHE C 91 -5.42 10.32 19.71
N LEU C 92 -5.65 11.58 19.39
CA LEU C 92 -4.71 12.39 18.63
C LEU C 92 -4.43 13.55 19.59
N ALA C 93 -3.16 13.81 19.85
CA ALA C 93 -2.78 14.88 20.76
C ALA C 93 -1.59 15.64 20.19
N PRO C 94 -1.25 16.81 20.75
CA PRO C 94 -0.11 17.57 20.23
C PRO C 94 1.15 16.69 20.21
N ALA C 95 1.99 16.89 19.20
CA ALA C 95 3.21 16.10 19.04
C ALA C 95 3.99 15.85 20.32
N ASN C 96 4.32 14.59 20.57
CA ASN C 96 5.08 14.16 21.74
C ASN C 96 4.55 14.72 23.07
N SER C 97 3.23 14.64 23.20
CA SER C 97 2.50 15.09 24.37
C SER C 97 2.80 14.17 25.56
N GLN C 98 2.75 14.75 26.76
CA GLN C 98 3.00 14.01 27.99
C GLN C 98 1.70 13.95 28.78
N ILE C 99 1.61 13.02 29.73
CA ILE C 99 0.41 12.89 30.54
C ILE C 99 0.20 14.13 31.42
N PRO C 100 -0.96 14.79 31.30
CA PRO C 100 -1.30 15.99 32.07
C PRO C 100 -1.15 15.76 33.56
N SER C 101 -0.67 16.79 34.27
CA SER C 101 -0.46 16.71 35.70
C SER C 101 -1.80 16.60 36.43
N GLY C 102 -1.90 15.62 37.33
CA GLY C 102 -3.13 15.42 38.06
C GLY C 102 -4.25 14.91 37.17
N SER C 103 -4.00 13.79 36.51
CA SER C 103 -4.99 13.23 35.62
C SER C 103 -5.70 12.06 36.28
N SER C 104 -7.01 12.01 36.11
CA SER C 104 -7.81 10.93 36.67
C SER C 104 -7.80 9.75 35.71
N ALA C 105 -8.13 8.57 36.22
CA ALA C 105 -8.22 7.38 35.39
C ALA C 105 -9.47 7.54 34.53
N GLY C 106 -10.49 8.20 35.11
CA GLY C 106 -11.73 8.44 34.41
C GLY C 106 -11.58 9.49 33.33
N MET C 107 -10.40 10.12 33.31
CA MET C 107 -10.07 11.14 32.33
C MET C 107 -9.11 10.51 31.32
N PHE C 108 -8.82 9.22 31.51
CA PHE C 108 -7.94 8.41 30.64
C PHE C 108 -6.53 8.96 30.42
N GLY C 109 -6.04 9.75 31.37
CA GLY C 109 -4.72 10.34 31.24
C GLY C 109 -4.64 11.33 30.10
N LEU C 110 -5.80 11.85 29.69
CA LEU C 110 -5.84 12.81 28.59
C LEU C 110 -6.17 14.22 29.04
N PHE C 111 -6.84 14.35 30.19
CA PHE C 111 -7.24 15.67 30.69
C PHE C 111 -6.89 16.00 32.14
N SER C 112 -6.46 17.25 32.35
CA SER C 112 -6.07 17.81 33.65
C SER C 112 -7.31 18.05 34.50
N SER C 113 -8.43 18.31 33.83
CA SER C 113 -9.70 18.61 34.48
C SER C 113 -10.92 18.11 33.71
N SER C 114 -12.09 18.66 34.06
CA SER C 114 -13.34 18.27 33.42
C SER C 114 -13.96 19.38 32.58
N ASP C 115 -13.16 20.40 32.28
CA ASP C 115 -13.62 21.54 31.47
C ASP C 115 -13.55 21.24 29.99
N SER C 116 -13.73 22.28 29.18
CA SER C 116 -13.67 22.17 27.74
C SER C 116 -12.67 23.18 27.18
N LYS C 117 -11.49 23.23 27.78
CA LYS C 117 -10.43 24.15 27.38
C LYS C 117 -9.95 23.93 25.94
N SER C 118 -9.95 25.01 25.16
CA SER C 118 -9.53 25.00 23.77
C SER C 118 -8.06 24.62 23.63
N SER C 119 -7.28 24.92 24.67
CA SER C 119 -5.87 24.63 24.69
C SER C 119 -5.52 23.15 24.87
N ASN C 120 -6.50 22.34 25.27
CA ASN C 120 -6.25 20.90 25.44
C ASN C 120 -5.73 20.26 24.16
N GLN C 121 -6.37 20.60 23.03
CA GLN C 121 -6.01 20.10 21.71
C GLN C 121 -5.98 18.58 21.61
N ILE C 122 -7.03 17.95 22.13
CA ILE C 122 -7.15 16.50 22.09
C ILE C 122 -8.44 16.09 21.38
N ILE C 123 -8.34 15.01 20.61
CA ILE C 123 -9.47 14.43 19.92
C ILE C 123 -9.33 12.95 20.21
N ALA C 124 -10.32 12.37 20.88
CA ALA C 124 -10.23 10.97 21.23
C ALA C 124 -11.53 10.23 21.07
N VAL C 125 -11.42 8.92 20.95
CA VAL C 125 -12.55 8.04 20.83
C VAL C 125 -12.46 7.16 22.06
N GLU C 126 -13.36 7.39 23.00
CA GLU C 126 -13.37 6.63 24.24
C GLU C 126 -14.29 5.43 24.24
N PHE C 127 -13.86 4.40 24.96
CA PHE C 127 -14.63 3.18 25.16
C PHE C 127 -14.72 3.16 26.69
N ASP C 128 -15.70 3.95 27.17
CA ASP C 128 -16.00 4.19 28.58
C ASP C 128 -16.78 3.09 29.24
N THR C 129 -16.16 2.43 30.23
CA THR C 129 -16.82 1.34 30.96
C THR C 129 -17.45 1.77 32.27
N TYR C 130 -16.98 2.89 32.83
CA TYR C 130 -17.52 3.41 34.09
C TYR C 130 -18.30 4.70 33.85
N PHE C 131 -19.51 4.76 34.39
CA PHE C 131 -20.37 5.92 34.19
C PHE C 131 -21.08 6.38 35.46
N GLY C 132 -20.51 6.03 36.62
CA GLY C 132 -21.10 6.43 37.88
C GLY C 132 -21.18 7.93 38.07
N LYS C 133 -22.36 8.41 38.46
CA LYS C 133 -22.61 9.84 38.68
C LYS C 133 -21.77 10.48 39.78
N ALA C 134 -21.49 9.71 40.82
CA ALA C 134 -20.69 10.20 41.94
C ALA C 134 -19.36 10.75 41.45
N TYR C 135 -18.63 9.96 40.66
CA TYR C 135 -17.31 10.36 40.14
C TYR C 135 -17.20 10.80 38.68
N ASN C 136 -18.10 10.34 37.83
CA ASN C 136 -18.09 10.71 36.42
C ASN C 136 -19.44 11.32 36.04
N PRO C 137 -19.77 12.51 36.58
CA PRO C 137 -21.05 13.16 36.26
C PRO C 137 -21.31 13.52 34.79
N TRP C 138 -20.25 13.66 34.00
CA TRP C 138 -20.38 14.03 32.59
C TRP C 138 -20.89 12.90 31.69
N ASP C 139 -20.61 11.67 32.08
CA ASP C 139 -20.98 10.47 31.33
C ASP C 139 -22.49 10.21 31.29
N PRO C 140 -22.96 9.45 30.28
CA PRO C 140 -24.38 9.11 30.15
C PRO C 140 -24.64 7.92 31.08
N ASP C 141 -25.86 7.39 31.08
CA ASP C 141 -26.21 6.29 31.99
C ASP C 141 -25.99 4.86 31.51
N PHE C 142 -24.86 4.62 30.85
CA PHE C 142 -24.52 3.31 30.34
C PHE C 142 -23.10 3.28 29.78
N LYS C 143 -22.55 2.08 29.60
CA LYS C 143 -21.21 1.93 29.02
C LYS C 143 -21.36 2.47 27.59
N HIS C 144 -20.43 3.33 27.19
CA HIS C 144 -20.52 3.97 25.87
C HIS C 144 -19.24 4.16 25.06
N ILE C 145 -19.44 4.51 23.79
CA ILE C 145 -18.34 4.84 22.89
C ILE C 145 -18.59 6.34 22.74
N GLY C 146 -17.55 7.16 22.87
CA GLY C 146 -17.76 8.58 22.75
C GLY C 146 -16.68 9.32 22.00
N ILE C 147 -17.10 10.34 21.26
CA ILE C 147 -16.16 11.16 20.49
C ILE C 147 -15.83 12.35 21.40
N ASP C 148 -14.58 12.45 21.82
CA ASP C 148 -14.19 13.55 22.70
C ASP C 148 -13.40 14.62 21.98
N VAL C 149 -13.80 15.86 22.18
CA VAL C 149 -13.14 16.99 21.55
C VAL C 149 -12.82 18.04 22.60
N ASN C 150 -11.56 18.08 23.04
CA ASN C 150 -11.07 19.03 24.03
C ASN C 150 -11.71 18.89 25.42
N SER C 151 -12.55 17.90 25.58
CA SER C 151 -13.21 17.68 26.86
C SER C 151 -13.60 16.21 27.05
N ILE C 152 -13.58 15.77 28.31
CA ILE C 152 -13.94 14.40 28.66
C ILE C 152 -15.45 14.19 28.51
N LYS C 153 -16.18 15.30 28.35
CA LYS C 153 -17.61 15.26 28.16
C LYS C 153 -17.76 15.14 26.64
N SER C 154 -18.00 13.92 26.20
CA SER C 154 -18.15 13.60 24.78
C SER C 154 -19.19 14.47 24.08
N ILE C 155 -18.92 14.84 22.83
CA ILE C 155 -19.86 15.64 22.06
C ILE C 155 -20.97 14.75 21.50
N LYS C 156 -20.70 13.44 21.47
CA LYS C 156 -21.67 12.46 20.97
C LYS C 156 -21.30 11.09 21.52
N THR C 157 -22.31 10.36 22.00
CA THR C 157 -22.08 9.02 22.55
C THR C 157 -23.05 8.00 21.98
N VAL C 158 -22.81 6.74 22.29
CA VAL C 158 -23.64 5.64 21.82
C VAL C 158 -23.46 4.49 22.79
N LYS C 159 -24.56 3.79 23.09
CA LYS C 159 -24.54 2.64 23.99
C LYS C 159 -23.52 1.64 23.42
N TRP C 160 -22.60 1.20 24.26
CA TRP C 160 -21.60 0.24 23.85
C TRP C 160 -21.95 -1.08 24.51
N ASP C 161 -22.38 -2.04 23.69
CA ASP C 161 -22.75 -3.37 24.19
C ASP C 161 -21.51 -4.20 24.48
N TRP C 162 -20.73 -3.74 25.44
CA TRP C 162 -19.49 -4.40 25.86
C TRP C 162 -19.66 -5.87 26.21
N ARG C 163 -18.71 -6.69 25.78
CA ARG C 163 -18.72 -8.12 26.07
C ARG C 163 -17.45 -8.40 26.86
N ASN C 164 -17.63 -8.88 28.09
CA ASN C 164 -16.51 -9.19 28.97
C ASN C 164 -15.56 -10.22 28.41
N GLY C 165 -14.28 -9.86 28.31
CA GLY C 165 -13.26 -10.77 27.83
C GLY C 165 -13.26 -11.08 26.36
N GLU C 166 -14.23 -10.59 25.62
CA GLU C 166 -14.31 -10.84 24.19
C GLU C 166 -13.51 -9.82 23.41
N VAL C 167 -12.95 -10.26 22.28
CA VAL C 167 -12.15 -9.41 21.40
C VAL C 167 -13.08 -8.56 20.53
N ALA C 168 -12.81 -7.26 20.47
CA ALA C 168 -13.58 -6.33 19.66
C ALA C 168 -12.70 -5.80 18.52
N ASP C 169 -13.28 -5.68 17.33
CA ASP C 169 -12.59 -5.14 16.17
C ASP C 169 -13.12 -3.74 15.93
N VAL C 170 -12.23 -2.77 15.87
CA VAL C 170 -12.62 -1.39 15.67
C VAL C 170 -12.00 -0.81 14.39
N VAL C 171 -12.81 -0.06 13.66
CA VAL C 171 -12.33 0.62 12.45
C VAL C 171 -12.75 2.07 12.60
N ILE C 172 -11.78 2.97 12.57
CA ILE C 172 -12.09 4.39 12.68
C ILE C 172 -11.61 5.09 11.43
N THR C 173 -12.52 5.79 10.76
CA THR C 173 -12.15 6.51 9.56
C THR C 173 -12.50 7.99 9.71
N TYR C 174 -11.66 8.84 9.16
CA TYR C 174 -11.89 10.26 9.17
C TYR C 174 -11.75 10.71 7.72
N ARG C 175 -12.83 11.20 7.13
CA ARG C 175 -12.79 11.67 5.75
C ARG C 175 -12.76 13.19 5.76
N ALA C 176 -11.57 13.73 5.55
CA ALA C 176 -11.32 15.16 5.57
C ALA C 176 -12.31 16.03 4.81
N PRO C 177 -12.59 15.70 3.54
CA PRO C 177 -13.54 16.50 2.74
C PRO C 177 -14.93 16.69 3.34
N THR C 178 -15.40 15.73 4.14
CA THR C 178 -16.71 15.86 4.76
C THR C 178 -16.62 16.04 6.27
N LYS C 179 -15.39 16.07 6.80
CA LYS C 179 -15.15 16.25 8.23
C LYS C 179 -15.91 15.19 9.03
N SER C 180 -16.04 14.01 8.44
CA SER C 180 -16.78 12.91 9.04
C SER C 180 -15.95 11.85 9.76
N LEU C 181 -16.15 11.74 11.07
CA LEU C 181 -15.46 10.76 11.88
C LEU C 181 -16.39 9.59 12.22
N THR C 182 -16.11 8.40 11.70
CA THR C 182 -16.91 7.21 11.95
C THR C 182 -16.20 6.11 12.75
N VAL C 183 -16.88 5.57 13.76
CA VAL C 183 -16.31 4.51 14.59
C VAL C 183 -17.14 3.26 14.39
N CYS C 184 -16.48 2.23 13.90
CA CYS C 184 -17.09 0.95 13.60
C CYS C 184 -16.62 -0.14 14.55
N LEU C 185 -17.46 -0.55 15.50
CA LEU C 185 -17.03 -1.60 16.42
C LEU C 185 -17.85 -2.88 16.29
N SER C 186 -17.18 -4.04 16.34
CA SER C 186 -17.88 -5.30 16.24
C SER C 186 -17.19 -6.43 16.98
N TYR C 187 -18.00 -7.35 17.48
CA TYR C 187 -17.51 -8.53 18.21
C TYR C 187 -17.77 -9.75 17.33
N PRO C 188 -16.72 -10.32 16.73
CA PRO C 188 -16.91 -11.50 15.88
C PRO C 188 -17.50 -12.69 16.65
N SER C 189 -17.31 -12.69 17.97
CA SER C 189 -17.80 -13.75 18.84
C SER C 189 -19.31 -14.01 18.70
N ASP C 190 -20.11 -12.96 18.84
CA ASP C 190 -21.57 -13.11 18.74
C ASP C 190 -22.23 -12.16 17.74
N GLY C 191 -21.43 -11.46 16.95
CA GLY C 191 -21.97 -10.55 15.96
C GLY C 191 -22.52 -9.22 16.46
N THR C 192 -22.16 -8.84 17.68
CA THR C 192 -22.61 -7.57 18.25
C THR C 192 -21.86 -6.41 17.58
N SER C 193 -22.60 -5.38 17.17
CA SER C 193 -21.98 -4.25 16.50
C SER C 193 -22.51 -2.92 16.97
N ASN C 194 -21.60 -1.95 17.13
CA ASN C 194 -21.93 -0.59 17.55
C ASN C 194 -21.25 0.36 16.57
N ILE C 195 -21.95 1.43 16.19
CA ILE C 195 -21.41 2.42 15.26
C ILE C 195 -21.80 3.84 15.68
N ILE C 196 -20.92 4.78 15.36
CA ILE C 196 -21.15 6.17 15.69
C ILE C 196 -20.37 7.06 14.72
N THR C 197 -20.98 8.18 14.35
CA THR C 197 -20.36 9.17 13.45
C THR C 197 -20.60 10.58 13.95
N ALA C 198 -19.60 11.44 13.76
CA ALA C 198 -19.71 12.82 14.17
C ALA C 198 -18.90 13.74 13.27
N SER C 199 -19.25 15.02 13.24
CA SER C 199 -18.50 15.99 12.44
C SER C 199 -17.43 16.63 13.30
N VAL C 200 -16.21 16.63 12.78
CA VAL C 200 -15.07 17.19 13.49
C VAL C 200 -14.15 17.84 12.49
N ASP C 201 -13.74 19.07 12.78
CA ASP C 201 -12.81 19.78 11.92
C ASP C 201 -11.46 19.75 12.63
N LEU C 202 -10.57 18.87 12.17
CA LEU C 202 -9.25 18.70 12.77
C LEU C 202 -8.42 19.98 12.79
N LYS C 203 -8.55 20.75 11.71
CA LYS C 203 -7.83 22.01 11.51
C LYS C 203 -8.15 23.02 12.61
N ALA C 204 -9.40 22.98 13.08
CA ALA C 204 -9.87 23.89 14.12
C ALA C 204 -9.54 23.43 15.53
N ILE C 205 -9.16 22.17 15.68
CA ILE C 205 -8.86 21.64 17.01
C ILE C 205 -7.42 21.25 17.30
N LEU C 206 -6.78 20.61 16.33
CA LEU C 206 -5.42 20.14 16.52
C LEU C 206 -4.33 20.96 15.85
N PRO C 207 -3.09 20.87 16.38
CA PRO C 207 -1.97 21.60 15.80
C PRO C 207 -1.58 20.86 14.51
N GLU C 208 -0.67 21.44 13.73
CA GLU C 208 -0.24 20.82 12.46
C GLU C 208 0.33 19.41 12.65
N TRP C 209 1.15 19.25 13.69
CA TRP C 209 1.79 17.99 14.00
C TRP C 209 1.24 17.36 15.27
N VAL C 210 0.75 16.13 15.13
CA VAL C 210 0.15 15.40 16.23
C VAL C 210 0.79 14.03 16.46
N SER C 211 0.45 13.42 17.60
CA SER C 211 0.91 12.09 17.98
C SER C 211 -0.33 11.26 18.21
N VAL C 212 -0.36 10.05 17.67
CA VAL C 212 -1.52 9.18 17.86
C VAL C 212 -1.18 8.00 18.75
N GLY C 213 -2.19 7.49 19.45
CA GLY C 213 -1.97 6.36 20.33
C GLY C 213 -3.17 5.99 21.15
N PHE C 214 -2.95 5.14 22.14
CA PHE C 214 -4.00 4.68 23.04
C PHE C 214 -3.69 5.07 24.47
N SER C 215 -4.73 5.21 25.27
CA SER C 215 -4.58 5.53 26.68
C SER C 215 -5.72 4.83 27.40
N GLY C 216 -5.59 4.69 28.71
CA GLY C 216 -6.63 4.04 29.47
C GLY C 216 -6.32 4.13 30.96
N GLY C 217 -7.30 3.77 31.78
CA GLY C 217 -7.06 3.82 33.21
C GLY C 217 -7.94 2.93 34.03
N VAL C 218 -7.46 2.66 35.24
CA VAL C 218 -8.16 1.86 36.24
C VAL C 218 -8.19 2.76 37.48
N GLY C 219 -9.35 3.36 37.73
CA GLY C 219 -9.50 4.28 38.85
C GLY C 219 -9.64 3.66 40.21
N ASN C 220 -10.18 2.45 40.27
CA ASN C 220 -10.39 1.75 41.53
C ASN C 220 -9.95 0.30 41.38
N ALA C 221 -8.88 -0.07 42.08
CA ALA C 221 -8.33 -1.44 42.00
C ALA C 221 -9.31 -2.56 42.34
N ALA C 222 -10.39 -2.21 43.04
CA ALA C 222 -11.39 -3.21 43.42
C ALA C 222 -12.30 -3.61 42.26
N GLU C 223 -12.40 -2.74 41.26
CA GLU C 223 -13.23 -3.01 40.09
C GLU C 223 -12.33 -3.10 38.86
N PHE C 224 -11.26 -3.87 39.00
CA PHE C 224 -10.25 -4.08 37.98
C PHE C 224 -10.73 -4.74 36.69
N GLU C 225 -10.08 -4.34 35.60
CA GLU C 225 -10.31 -4.86 34.25
C GLU C 225 -9.09 -4.52 33.39
N THR C 226 -8.84 -5.32 32.36
CA THR C 226 -7.72 -5.10 31.47
C THR C 226 -8.10 -4.18 30.33
N HIS C 227 -7.08 -3.58 29.71
CA HIS C 227 -7.28 -2.69 28.58
C HIS C 227 -6.14 -3.03 27.64
N ASP C 228 -6.29 -4.18 26.99
CA ASP C 228 -5.28 -4.72 26.10
C ASP C 228 -5.58 -4.55 24.63
N VAL C 229 -4.66 -3.94 23.88
CA VAL C 229 -4.86 -3.83 22.44
C VAL C 229 -3.95 -4.92 21.84
N LEU C 230 -4.52 -5.70 20.93
CA LEU C 230 -3.85 -6.83 20.29
C LEU C 230 -3.09 -6.54 19.00
N SER C 231 -3.65 -5.65 18.18
CA SER C 231 -3.06 -5.29 16.90
C SER C 231 -3.42 -3.85 16.57
N TRP C 232 -2.69 -3.25 15.64
CA TRP C 232 -2.95 -1.86 15.29
C TRP C 232 -2.46 -1.48 13.90
N TYR C 233 -3.40 -1.03 13.07
CA TYR C 233 -3.12 -0.58 11.72
C TYR C 233 -3.48 0.90 11.67
N PHE C 234 -2.66 1.69 10.98
CA PHE C 234 -2.92 3.12 10.85
C PHE C 234 -2.35 3.68 9.57
N THR C 235 -3.09 4.59 8.95
CA THR C 235 -2.65 5.25 7.74
C THR C 235 -3.29 6.62 7.63
N SER C 236 -2.51 7.61 7.21
CA SER C 236 -3.00 8.97 7.05
C SER C 236 -2.48 9.48 5.71
N ASN C 237 -3.10 10.53 5.19
CA ASN C 237 -2.69 11.10 3.92
C ASN C 237 -3.18 12.51 3.67
N LEU C 238 -2.25 13.39 3.32
CA LEU C 238 -2.54 14.81 3.04
C LEU C 238 -2.91 15.06 1.56
N GLU C 239 -4.18 15.39 1.32
N SER D 3 -1.08 -5.10 5.92
CA SER D 3 -0.03 -4.79 4.90
C SER D 3 1.40 -4.91 5.46
N ASP D 4 2.31 -4.10 4.93
CA ASP D 4 3.72 -4.10 5.35
C ASP D 4 3.90 -3.44 6.71
N ASP D 5 4.98 -3.81 7.40
CA ASP D 5 5.27 -3.25 8.71
C ASP D 5 5.30 -1.71 8.71
N LEU D 6 5.85 -1.11 7.66
CA LEU D 6 5.93 0.35 7.58
C LEU D 6 6.15 0.85 6.17
N SER D 7 5.62 2.03 5.88
CA SER D 7 5.80 2.64 4.58
C SER D 7 5.40 4.11 4.67
N PHE D 8 6.36 5.00 4.39
CA PHE D 8 6.11 6.44 4.42
C PHE D 8 6.57 7.11 3.15
N ASN D 9 6.02 8.28 2.87
CA ASN D 9 6.39 9.02 1.66
C ASN D 9 6.37 10.53 1.85
N PHE D 10 7.44 11.18 1.43
CA PHE D 10 7.57 12.63 1.52
C PHE D 10 7.78 13.13 0.10
N ASP D 11 6.82 13.87 -0.45
CA ASP D 11 6.95 14.40 -1.81
C ASP D 11 7.68 15.72 -1.76
N LYS D 12 7.71 16.30 -0.58
CA LYS D 12 8.38 17.56 -0.33
C LYS D 12 8.61 17.56 1.17
N PHE D 13 9.51 18.40 1.64
CA PHE D 13 9.78 18.50 3.06
C PHE D 13 9.32 19.87 3.52
N VAL D 14 8.90 19.98 4.77
CA VAL D 14 8.45 21.25 5.31
C VAL D 14 9.47 21.74 6.33
N PRO D 15 9.62 23.06 6.46
CA PRO D 15 10.58 23.62 7.43
C PRO D 15 10.24 23.07 8.81
N ASN D 16 11.23 22.49 9.45
CA ASN D 16 11.04 21.89 10.78
C ASN D 16 10.01 20.77 10.81
N GLN D 17 10.19 19.82 9.91
CA GLN D 17 9.33 18.65 9.81
C GLN D 17 9.55 17.90 11.12
N LYS D 18 8.48 17.69 11.87
CA LYS D 18 8.61 17.01 13.16
C LYS D 18 8.79 15.51 13.19
N ASN D 19 8.73 14.87 12.03
CA ASN D 19 8.94 13.43 11.98
C ASN D 19 10.29 13.09 11.36
N ILE D 20 11.16 14.09 11.32
CA ILE D 20 12.53 13.95 10.81
C ILE D 20 13.45 14.54 11.89
N ILE D 21 14.42 13.74 12.33
CA ILE D 21 15.35 14.23 13.35
C ILE D 21 16.55 14.83 12.64
N PHE D 22 16.83 16.09 12.95
CA PHE D 22 17.95 16.79 12.32
C PHE D 22 19.17 16.81 13.21
N GLN D 23 20.30 16.37 12.63
CA GLN D 23 21.56 16.34 13.35
C GLN D 23 22.58 17.13 12.54
N GLY D 24 23.49 17.81 13.23
CA GLY D 24 24.49 18.60 12.53
C GLY D 24 23.86 19.78 11.84
N ASP D 25 24.36 20.10 10.66
CA ASP D 25 23.85 21.25 9.89
C ASP D 25 22.65 20.97 9.01
N ALA D 26 22.09 19.77 9.09
CA ALA D 26 20.93 19.41 8.28
C ALA D 26 19.71 20.27 8.62
N SER D 27 18.91 20.54 7.59
CA SER D 27 17.72 21.35 7.73
C SER D 27 16.98 21.37 6.40
N VAL D 28 15.73 21.83 6.43
CA VAL D 28 14.94 21.93 5.21
C VAL D 28 14.62 23.39 4.89
N SER D 29 15.02 23.81 3.70
CA SER D 29 14.82 25.16 3.22
C SER D 29 13.35 25.46 3.03
N THR D 30 13.05 26.73 2.80
CA THR D 30 11.67 27.16 2.59
C THR D 30 11.14 26.69 1.24
N THR D 31 12.02 26.20 0.38
CA THR D 31 11.61 25.69 -0.93
C THR D 31 11.12 24.25 -0.79
N GLY D 32 11.24 23.72 0.43
CA GLY D 32 10.80 22.36 0.70
C GLY D 32 11.80 21.27 0.38
N VAL D 33 13.08 21.61 0.37
CA VAL D 33 14.13 20.63 0.08
C VAL D 33 15.01 20.39 1.28
N LEU D 34 15.35 19.12 1.50
CA LEU D 34 16.19 18.73 2.63
C LEU D 34 17.66 18.95 2.26
N GLN D 35 18.27 19.95 2.88
CA GLN D 35 19.67 20.25 2.65
C GLN D 35 20.43 19.59 3.78
N VAL D 36 20.86 18.35 3.56
CA VAL D 36 21.58 17.60 4.60
C VAL D 36 22.86 18.34 4.94
N THR D 37 23.37 19.05 3.94
CA THR D 37 24.58 19.82 4.09
C THR D 37 24.20 21.29 3.96
N LYS D 38 24.71 22.10 4.90
CA LYS D 38 24.45 23.53 4.95
C LYS D 38 24.88 24.30 3.72
N VAL D 39 23.98 25.14 3.22
CA VAL D 39 24.25 25.99 2.05
C VAL D 39 24.05 27.43 2.54
N SER D 40 25.14 28.18 2.65
CA SER D 40 25.03 29.54 3.18
C SER D 40 25.75 30.62 2.40
N LYS D 41 25.54 31.88 2.81
CA LYS D 41 26.16 33.05 2.16
C LYS D 41 27.66 32.80 2.04
N PRO D 42 28.40 32.77 3.18
CA PRO D 42 29.82 32.48 2.98
C PRO D 42 29.90 30.95 3.19
N THR D 43 30.14 30.20 2.12
CA THR D 43 30.20 28.73 2.21
C THR D 43 31.19 28.22 3.28
N THR D 44 30.69 27.36 4.18
CA THR D 44 31.47 26.82 5.30
C THR D 44 31.55 25.29 5.37
N THR D 45 32.51 24.78 6.15
CA THR D 45 32.71 23.33 6.37
C THR D 45 31.41 22.85 6.98
N SER D 46 30.99 21.63 6.66
CA SER D 46 29.73 21.16 7.21
C SER D 46 29.50 19.66 7.27
N ILE D 47 28.70 19.25 8.25
CA ILE D 47 28.31 17.85 8.45
C ILE D 47 26.87 17.86 8.93
N GLY D 48 26.04 16.99 8.34
CA GLY D 48 24.65 16.93 8.74
C GLY D 48 24.03 15.57 8.50
N ARG D 49 23.02 15.24 9.31
CA ARG D 49 22.30 13.97 9.18
C ARG D 49 20.82 14.20 9.47
N ALA D 50 19.95 13.49 8.75
CA ALA D 50 18.50 13.59 8.94
C ALA D 50 17.94 12.19 9.01
N LEU D 51 17.28 11.86 10.12
CA LEU D 51 16.72 10.53 10.30
C LEU D 51 15.21 10.58 10.44
N TYR D 52 14.55 9.50 10.02
CA TYR D 52 13.11 9.44 10.19
C TYR D 52 12.96 9.28 11.72
N ALA D 53 12.07 10.06 12.30
CA ALA D 53 11.84 10.06 13.75
C ALA D 53 11.60 8.74 14.48
N ALA D 54 11.04 7.74 13.82
CA ALA D 54 10.77 6.47 14.48
C ALA D 54 11.71 5.35 14.04
N PRO D 55 12.14 4.51 15.00
CA PRO D 55 13.04 3.38 14.70
C PRO D 55 12.28 2.34 13.92
N ILE D 56 13.01 1.50 13.21
CA ILE D 56 12.43 0.45 12.39
C ILE D 56 13.02 -0.90 12.79
N GLN D 57 12.16 -1.91 12.94
CA GLN D 57 12.63 -3.24 13.28
C GLN D 57 13.10 -3.90 12.00
N ILE D 58 14.42 -4.01 11.88
CA ILE D 58 15.01 -4.58 10.69
C ILE D 58 15.12 -6.12 10.71
N TRP D 59 15.03 -6.71 11.89
CA TRP D 59 15.03 -8.16 12.04
C TRP D 59 14.49 -8.53 13.41
N ASP D 60 14.00 -9.75 13.57
CA ASP D 60 13.43 -10.20 14.83
C ASP D 60 14.19 -11.36 15.43
N SER D 61 14.62 -11.20 16.68
CA SER D 61 15.37 -12.24 17.39
C SER D 61 14.49 -13.41 17.80
N ILE D 62 13.20 -13.15 18.02
CA ILE D 62 12.25 -14.19 18.42
C ILE D 62 12.06 -15.17 17.27
N THR D 63 11.58 -14.65 16.13
CA THR D 63 11.32 -15.47 14.94
C THR D 63 12.53 -15.77 14.04
N GLY D 64 13.47 -14.85 13.95
CA GLY D 64 14.63 -15.05 13.10
C GLY D 64 14.45 -14.31 11.78
N LYS D 65 13.24 -13.84 11.53
CA LYS D 65 12.88 -13.08 10.32
C LYS D 65 13.75 -11.85 10.08
N VAL D 66 14.06 -11.59 8.83
CA VAL D 66 14.84 -10.40 8.46
C VAL D 66 13.94 -9.59 7.54
N ALA D 67 13.95 -8.28 7.72
CA ALA D 67 13.11 -7.40 6.91
C ALA D 67 13.65 -7.11 5.53
N SER D 68 12.75 -6.98 4.57
CA SER D 68 13.12 -6.63 3.21
C SER D 68 12.65 -5.19 3.14
N PHE D 69 13.40 -4.32 2.47
CA PHE D 69 12.98 -2.93 2.37
C PHE D 69 13.33 -2.37 1.02
N ALA D 70 12.71 -1.26 0.70
CA ALA D 70 12.96 -0.57 -0.55
C ALA D 70 12.84 0.91 -0.25
N THR D 71 13.63 1.71 -0.94
CA THR D 71 13.58 3.14 -0.73
C THR D 71 13.82 3.85 -2.05
N SER D 72 13.24 5.02 -2.18
CA SER D 72 13.39 5.80 -3.38
C SER D 72 13.54 7.25 -2.98
N PHE D 73 14.44 7.96 -3.66
CA PHE D 73 14.64 9.36 -3.35
C PHE D 73 15.36 10.04 -4.50
N SER D 74 15.15 11.34 -4.62
CA SER D 74 15.77 12.12 -5.68
C SER D 74 16.63 13.18 -5.03
N PHE D 75 17.88 13.25 -5.47
CA PHE D 75 18.80 14.24 -4.91
C PHE D 75 19.54 15.02 -5.99
N VAL D 76 20.14 16.13 -5.57
CA VAL D 76 20.89 17.01 -6.43
C VAL D 76 22.16 17.39 -5.68
N VAL D 77 23.27 17.37 -6.40
CA VAL D 77 24.56 17.77 -5.85
C VAL D 77 25.07 18.80 -6.84
N LYS D 78 24.99 20.07 -6.43
CA LYS D 78 25.39 21.19 -7.26
C LYS D 78 26.66 21.85 -6.76
N ALA D 79 27.73 21.73 -7.55
CA ALA D 79 29.03 22.32 -7.21
C ALA D 79 29.20 23.69 -7.87
N ASP D 80 29.86 24.61 -7.17
CA ASP D 80 30.12 25.95 -7.70
C ASP D 80 31.11 25.85 -8.83
N LYS D 81 32.23 25.18 -8.57
CA LYS D 81 33.26 24.97 -9.59
C LYS D 81 32.83 23.72 -10.37
N SER D 82 33.76 23.09 -11.07
CA SER D 82 33.43 21.88 -11.83
C SER D 82 33.43 20.66 -10.91
N ASP D 83 34.00 20.83 -9.72
CA ASP D 83 34.11 19.76 -8.74
C ASP D 83 33.71 20.19 -7.34
N GLY D 84 33.31 19.21 -6.54
CA GLY D 84 32.90 19.48 -5.18
C GLY D 84 33.27 18.33 -4.25
N VAL D 85 32.93 18.52 -2.97
CA VAL D 85 33.16 17.56 -1.90
C VAL D 85 31.98 17.73 -0.95
N ASP D 86 31.63 16.72 -0.14
CA ASP D 86 32.31 15.42 -0.09
C ASP D 86 31.45 14.26 -0.56
N GLY D 87 30.15 14.42 -0.41
CA GLY D 87 29.24 13.38 -0.82
C GLY D 87 28.01 13.27 0.04
N LEU D 88 27.15 12.33 -0.34
CA LEU D 88 25.88 12.07 0.34
C LEU D 88 25.78 10.58 0.61
N ALA D 89 25.00 10.22 1.64
CA ALA D 89 24.83 8.81 1.96
C ALA D 89 23.48 8.47 2.57
N PHE D 90 22.97 7.30 2.20
CA PHE D 90 21.73 6.82 2.77
C PHE D 90 22.21 5.71 3.69
N PHE D 91 21.75 5.71 4.94
CA PHE D 91 22.23 4.71 5.88
C PHE D 91 21.23 4.16 6.87
N LEU D 92 21.62 3.03 7.46
CA LEU D 92 20.86 2.36 8.50
C LEU D 92 21.85 2.33 9.66
N ALA D 93 21.43 2.84 10.82
CA ALA D 93 22.31 2.86 11.98
C ALA D 93 21.52 2.46 13.22
N PRO D 94 22.21 2.18 14.34
CA PRO D 94 21.50 1.78 15.56
C PRO D 94 20.43 2.82 15.91
N ALA D 95 19.29 2.37 16.43
CA ALA D 95 18.18 3.25 16.78
C ALA D 95 18.60 4.55 17.47
N ASN D 96 18.08 5.66 16.98
CA ASN D 96 18.36 7.00 17.51
C ASN D 96 19.83 7.30 17.76
N SER D 97 20.65 6.91 16.78
CA SER D 97 22.09 7.10 16.77
C SER D 97 22.42 8.59 16.68
N GLN D 98 23.55 8.96 17.27
CA GLN D 98 24.03 10.33 17.24
C GLN D 98 25.32 10.40 16.42
N ILE D 99 25.68 11.59 15.95
CA ILE D 99 26.91 11.73 15.16
C ILE D 99 28.13 11.41 16.00
N PRO D 100 28.95 10.45 15.54
CA PRO D 100 30.17 10.03 16.23
C PRO D 100 31.10 11.22 16.52
N SER D 101 31.73 11.17 17.68
CA SER D 101 32.65 12.23 18.09
C SER D 101 33.87 12.27 17.19
N GLY D 102 34.21 13.45 16.69
CA GLY D 102 35.36 13.58 15.81
C GLY D 102 35.13 12.91 14.47
N SER D 103 34.06 13.31 13.79
CA SER D 103 33.75 12.73 12.51
C SER D 103 34.17 13.65 11.38
N SER D 104 34.76 13.07 10.34
CA SER D 104 35.18 13.84 9.19
C SER D 104 34.02 13.99 8.23
N ALA D 105 34.13 14.98 7.34
CA ALA D 105 33.10 15.18 6.33
C ALA D 105 33.24 14.04 5.32
N GLY D 106 34.48 13.59 5.12
CA GLY D 106 34.76 12.50 4.21
C GLY D 106 34.30 11.16 4.77
N MET D 107 33.88 11.19 6.03
CA MET D 107 33.36 10.01 6.73
C MET D 107 31.83 10.14 6.82
N PHE D 108 31.31 11.23 6.24
CA PHE D 108 29.87 11.53 6.17
C PHE D 108 29.13 11.57 7.50
N GLY D 109 29.87 11.84 8.57
CA GLY D 109 29.27 11.89 9.90
C GLY D 109 28.79 10.53 10.34
N LEU D 110 29.33 9.47 9.75
CA LEU D 110 28.92 8.11 10.08
C LEU D 110 29.99 7.35 10.85
N PHE D 111 31.27 7.75 10.70
CA PHE D 111 32.37 7.06 11.36
C PHE D 111 33.36 7.93 12.14
N SER D 112 33.76 7.40 13.31
CA SER D 112 34.72 8.04 14.25
C SER D 112 36.13 7.94 13.66
N SER D 113 36.36 6.91 12.86
CA SER D 113 37.67 6.64 12.27
C SER D 113 37.59 6.01 10.88
N SER D 114 38.71 5.42 10.45
CA SER D 114 38.80 4.78 9.14
C SER D 114 38.95 3.26 9.21
N ASP D 115 38.70 2.69 10.39
CA ASP D 115 38.81 1.26 10.62
C ASP D 115 37.58 0.51 10.16
N SER D 116 37.49 -0.76 10.53
CA SER D 116 36.37 -1.60 10.18
C SER D 116 35.79 -2.25 11.44
N LYS D 117 35.60 -1.43 12.47
CA LYS D 117 35.07 -1.90 13.76
C LYS D 117 33.66 -2.49 13.66
N SER D 118 33.52 -3.70 14.19
CA SER D 118 32.27 -4.44 14.19
C SER D 118 31.19 -3.70 14.98
N SER D 119 31.63 -2.95 15.98
CA SER D 119 30.74 -2.18 16.84
C SER D 119 30.09 -0.97 16.18
N ASN D 120 30.61 -0.55 15.02
CA ASN D 120 30.05 0.60 14.32
C ASN D 120 28.56 0.39 14.01
N GLN D 121 28.23 -0.79 13.51
CA GLN D 121 26.87 -1.19 13.18
C GLN D 121 26.18 -0.25 12.20
N ILE D 122 26.90 0.10 11.14
CA ILE D 122 26.36 0.98 10.10
C ILE D 122 26.40 0.30 8.74
N ILE D 123 25.37 0.55 7.95
CA ILE D 123 25.28 0.04 6.59
C ILE D 123 24.83 1.26 5.81
N ALA D 124 25.63 1.69 4.86
CA ALA D 124 25.29 2.87 4.10
C ALA D 124 25.61 2.76 2.62
N VAL D 125 24.93 3.58 1.85
CA VAL D 125 25.14 3.64 0.42
C VAL D 125 25.64 5.05 0.19
N GLU D 126 26.92 5.17 -0.13
CA GLU D 126 27.54 6.47 -0.35
C GLU D 126 27.58 6.90 -1.80
N PHE D 127 27.47 8.22 -1.99
CA PHE D 127 27.56 8.85 -3.30
C PHE D 127 28.73 9.80 -3.06
N ASP D 128 29.92 9.23 -3.15
CA ASP D 128 31.21 9.87 -2.90
C ASP D 128 31.71 10.73 -4.05
N THR D 129 31.82 12.03 -3.80
CA THR D 129 32.29 12.97 -4.84
C THR D 129 33.78 13.29 -4.74
N TYR D 130 34.36 13.11 -3.57
CA TYR D 130 35.79 13.37 -3.34
C TYR D 130 36.55 12.06 -3.14
N PHE D 131 37.63 11.91 -3.88
CA PHE D 131 38.44 10.69 -3.81
C PHE D 131 39.94 10.93 -3.75
N GLY D 132 40.33 12.13 -3.30
CA GLY D 132 41.75 12.47 -3.20
C GLY D 132 42.52 11.57 -2.26
N LYS D 133 43.65 11.05 -2.73
CA LYS D 133 44.51 10.15 -1.96
C LYS D 133 45.08 10.77 -0.69
N ALA D 134 45.39 12.06 -0.76
CA ALA D 134 45.95 12.76 0.39
C ALA D 134 45.07 12.60 1.61
N TYR D 135 43.77 12.89 1.46
CA TYR D 135 42.82 12.82 2.57
C TYR D 135 41.87 11.63 2.64
N ASN D 136 41.57 11.00 1.50
CA ASN D 136 40.67 9.85 1.43
C ASN D 136 41.38 8.69 0.75
N PRO D 137 42.42 8.13 1.39
CA PRO D 137 43.16 7.01 0.80
C PRO D 137 42.39 5.71 0.54
N TRP D 138 41.28 5.52 1.23
CA TRP D 138 40.46 4.31 1.07
C TRP D 138 39.65 4.28 -0.22
N ASP D 139 39.27 5.45 -0.72
CA ASP D 139 38.47 5.60 -1.94
C ASP D 139 39.18 5.17 -3.22
N PRO D 140 38.42 4.83 -4.27
CA PRO D 140 38.97 4.43 -5.57
C PRO D 140 39.34 5.71 -6.33
N ASP D 141 39.81 5.59 -7.56
CA ASP D 141 40.25 6.76 -8.33
C ASP D 141 39.21 7.49 -9.18
N PHE D 142 38.00 7.65 -8.65
CA PHE D 142 36.91 8.31 -9.37
C PHE D 142 35.71 8.51 -8.47
N LYS D 143 34.80 9.40 -8.86
CA LYS D 143 33.57 9.62 -8.10
C LYS D 143 32.81 8.29 -8.16
N HIS D 144 32.32 7.83 -7.02
CA HIS D 144 31.68 6.52 -6.96
C HIS D 144 30.44 6.36 -6.08
N ILE D 145 29.76 5.23 -6.26
CA ILE D 145 28.63 4.85 -5.45
C ILE D 145 29.25 3.68 -4.70
N GLY D 146 29.07 3.62 -3.38
CA GLY D 146 29.66 2.52 -2.65
C GLY D 146 28.80 1.97 -1.55
N ILE D 147 28.88 0.65 -1.35
CA ILE D 147 28.14 -0.03 -0.30
C ILE D 147 29.09 -0.10 0.91
N ASP D 148 28.73 0.60 1.98
CA ASP D 148 29.57 0.60 3.17
C ASP D 148 29.04 -0.28 4.26
N VAL D 149 29.90 -1.12 4.82
CA VAL D 149 29.52 -2.01 5.90
C VAL D 149 30.51 -1.90 7.05
N ASN D 150 30.14 -1.16 8.08
CA ASN D 150 30.97 -0.94 9.26
C ASN D 150 32.27 -0.20 9.02
N SER D 151 32.50 0.24 7.79
CA SER D 151 33.71 0.97 7.44
C SER D 151 33.48 1.89 6.26
N ILE D 152 34.21 3.01 6.25
CA ILE D 152 34.14 3.99 5.18
C ILE D 152 34.80 3.46 3.90
N LYS D 153 35.52 2.36 4.05
CA LYS D 153 36.17 1.70 2.93
C LYS D 153 35.08 0.74 2.43
N SER D 154 34.41 1.16 1.36
CA SER D 154 33.33 0.40 0.75
C SER D 154 33.74 -1.04 0.38
N ILE D 155 32.83 -1.98 0.55
CA ILE D 155 33.10 -3.38 0.20
C ILE D 155 32.96 -3.57 -1.31
N LYS D 156 32.28 -2.64 -1.96
CA LYS D 156 32.08 -2.69 -3.40
C LYS D 156 31.73 -1.29 -3.91
N THR D 157 32.34 -0.88 -5.01
CA THR D 157 32.10 0.44 -5.56
C THR D 157 31.83 0.36 -7.06
N VAL D 158 31.42 1.49 -7.63
CA VAL D 158 31.11 1.59 -9.05
C VAL D 158 31.27 3.04 -9.46
N LYS D 159 31.82 3.27 -10.65
CA LYS D 159 32.02 4.62 -11.17
C LYS D 159 30.65 5.30 -11.19
N TRP D 160 30.58 6.49 -10.61
CA TRP D 160 29.34 7.25 -10.58
C TRP D 160 29.50 8.41 -11.57
N ASP D 161 28.76 8.34 -12.67
CA ASP D 161 28.81 9.39 -13.69
C ASP D 161 27.99 10.60 -13.25
N TRP D 162 28.44 11.23 -12.17
CA TRP D 162 27.80 12.40 -11.60
C TRP D 162 27.58 13.53 -12.59
N ARG D 163 26.42 14.16 -12.51
CA ARG D 163 26.08 15.29 -13.38
C ARG D 163 25.84 16.46 -12.46
N ASN D 164 26.63 17.51 -12.64
CA ASN D 164 26.53 18.71 -11.81
C ASN D 164 25.18 19.40 -11.90
N GLY D 165 24.55 19.59 -10.74
CA GLY D 165 23.27 20.28 -10.69
C GLY D 165 22.06 19.53 -11.21
N GLU D 166 22.27 18.34 -11.77
CA GLU D 166 21.17 17.56 -12.29
C GLU D 166 20.55 16.68 -11.22
N VAL D 167 19.24 16.46 -11.35
CA VAL D 167 18.48 15.63 -10.40
C VAL D 167 18.70 14.15 -10.72
N ALA D 168 19.01 13.37 -9.69
CA ALA D 168 19.20 11.92 -9.84
C ALA D 168 18.11 11.19 -9.09
N ASP D 169 17.62 10.11 -9.70
CA ASP D 169 16.58 9.27 -9.11
C ASP D 169 17.25 7.99 -8.64
N VAL D 170 17.10 7.66 -7.36
CA VAL D 170 17.70 6.46 -6.82
C VAL D 170 16.66 5.51 -6.27
N VAL D 171 16.87 4.22 -6.52
CA VAL D 171 15.99 3.19 -6.00
C VAL D 171 16.91 2.16 -5.34
N ILE D 172 16.69 1.91 -4.05
CA ILE D 172 17.51 0.93 -3.35
C ILE D 172 16.59 -0.14 -2.82
N THR D 173 16.88 -1.39 -3.18
CA THR D 173 16.09 -2.50 -2.70
C THR D 173 16.97 -3.51 -1.98
N TYR D 174 16.43 -4.09 -0.92
CA TYR D 174 17.13 -5.12 -0.18
C TYR D 174 16.17 -6.29 -0.09
N ARG D 175 16.52 -7.42 -0.71
CA ARG D 175 15.67 -8.61 -0.68
C ARG D 175 16.27 -9.58 0.33
N ALA D 176 15.65 -9.62 1.51
CA ALA D 176 16.11 -10.45 2.62
C ALA D 176 16.44 -11.90 2.28
N PRO D 177 15.54 -12.62 1.59
CA PRO D 177 15.80 -14.02 1.23
C PRO D 177 17.10 -14.29 0.46
N THR D 178 17.56 -13.32 -0.33
CA THR D 178 18.81 -13.51 -1.08
C THR D 178 19.94 -12.62 -0.56
N LYS D 179 19.65 -11.83 0.47
CA LYS D 179 20.62 -10.92 1.07
C LYS D 179 21.22 -10.00 0.01
N SER D 180 20.39 -9.65 -0.97
CA SER D 180 20.81 -8.82 -2.09
C SER D 180 20.46 -7.35 -2.00
N LEU D 181 21.49 -6.51 -1.94
CA LEU D 181 21.29 -5.06 -1.88
C LEU D 181 21.62 -4.42 -3.25
N THR D 182 20.60 -3.87 -3.92
CA THR D 182 20.78 -3.23 -5.24
C THR D 182 20.53 -1.73 -5.24
N VAL D 183 21.43 -0.99 -5.87
CA VAL D 183 21.30 0.46 -5.95
C VAL D 183 21.13 0.85 -7.42
N CYS D 184 19.98 1.46 -7.70
CA CYS D 184 19.61 1.88 -9.03
C CYS D 184 19.63 3.38 -9.18
N LEU D 185 20.62 3.95 -9.86
CA LEU D 185 20.66 5.39 -10.03
C LEU D 185 20.51 5.83 -11.48
N SER D 186 19.71 6.88 -11.72
CA SER D 186 19.53 7.38 -13.08
C SER D 186 19.25 8.87 -13.14
N TYR D 187 19.70 9.50 -14.22
CA TYR D 187 19.49 10.92 -14.45
C TYR D 187 18.52 11.07 -15.63
N PRO D 188 17.27 11.45 -15.35
CA PRO D 188 16.29 11.59 -16.43
C PRO D 188 16.70 12.65 -17.46
N SER D 189 17.58 13.57 -17.04
CA SER D 189 18.07 14.65 -17.89
C SER D 189 18.70 14.16 -19.19
N ASP D 190 19.67 13.25 -19.08
CA ASP D 190 20.35 12.71 -20.26
C ASP D 190 20.37 11.19 -20.36
N GLY D 191 19.61 10.52 -19.50
CA GLY D 191 19.55 9.07 -19.52
C GLY D 191 20.74 8.31 -18.95
N THR D 192 21.58 8.99 -18.18
CA THR D 192 22.75 8.35 -17.57
C THR D 192 22.30 7.44 -16.42
N SER D 193 22.81 6.22 -16.38
CA SER D 193 22.42 5.28 -15.35
C SER D 193 23.60 4.50 -14.77
N ASN D 194 23.57 4.32 -13.45
CA ASN D 194 24.60 3.58 -12.73
C ASN D 194 23.89 2.58 -11.83
N ILE D 195 24.42 1.36 -11.75
CA ILE D 195 23.82 0.31 -10.92
C ILE D 195 24.89 -0.48 -10.18
N ILE D 196 24.55 -0.98 -9.01
CA ILE D 196 25.46 -1.76 -8.21
C ILE D 196 24.67 -2.68 -7.27
N THR D 197 25.18 -3.91 -7.09
CA THR D 197 24.57 -4.89 -6.19
C THR D 197 25.62 -5.59 -5.35
N ALA D 198 25.26 -5.89 -4.10
CA ALA D 198 26.16 -6.57 -3.20
C ALA D 198 25.41 -7.44 -2.20
N SER D 199 26.08 -8.46 -1.65
CA SER D 199 25.46 -9.32 -0.65
C SER D 199 25.73 -8.76 0.74
N VAL D 200 24.67 -8.62 1.51
CA VAL D 200 24.78 -8.10 2.86
C VAL D 200 23.79 -8.81 3.75
N ASP D 201 24.26 -9.27 4.91
CA ASP D 201 23.39 -9.95 5.87
C ASP D 201 23.13 -8.94 6.99
N LEU D 202 21.95 -8.32 6.97
CA LEU D 202 21.59 -7.32 7.97
C LEU D 202 21.64 -7.82 9.40
N LYS D 203 21.24 -9.08 9.57
CA LYS D 203 21.18 -9.76 10.86
C LYS D 203 22.56 -9.83 11.51
N ALA D 204 23.58 -10.00 10.67
CA ALA D 204 24.96 -10.10 11.13
C ALA D 204 25.63 -8.75 11.39
N ILE D 205 25.04 -7.67 10.89
CA ILE D 205 25.63 -6.36 11.05
C ILE D 205 24.89 -5.36 11.92
N LEU D 206 23.56 -5.31 11.77
CA LEU D 206 22.75 -4.35 12.52
C LEU D 206 21.98 -4.90 13.69
N PRO D 207 21.64 -4.04 14.66
CA PRO D 207 20.87 -4.46 15.83
C PRO D 207 19.42 -4.67 15.37
N GLU D 208 18.57 -5.20 16.24
CA GLU D 208 17.17 -5.44 15.89
C GLU D 208 16.44 -4.17 15.43
N TRP D 209 16.68 -3.08 16.15
CA TRP D 209 16.05 -1.78 15.88
C TRP D 209 17.04 -0.77 15.36
N VAL D 210 16.73 -0.25 14.17
CA VAL D 210 17.58 0.72 13.50
C VAL D 210 16.85 2.01 13.13
N SER D 211 17.62 3.01 12.74
CA SER D 211 17.13 4.31 12.31
C SER D 211 17.68 4.53 10.90
N VAL D 212 16.81 4.97 9.99
CA VAL D 212 17.25 5.22 8.60
C VAL D 212 17.26 6.70 8.29
N GLY D 213 18.13 7.10 7.37
CA GLY D 213 18.21 8.50 7.01
C GLY D 213 19.33 8.81 6.06
N PHE D 214 19.59 10.10 5.89
CA PHE D 214 20.65 10.58 5.01
C PHE D 214 21.68 11.37 5.81
N SER D 215 22.89 11.40 5.31
CA SER D 215 23.97 12.15 5.93
C SER D 215 24.87 12.63 4.80
N GLY D 216 25.69 13.62 5.09
CA GLY D 216 26.58 14.15 4.08
C GLY D 216 27.52 15.17 4.68
N GLY D 217 28.53 15.56 3.90
CA GLY D 217 29.46 16.53 4.42
C GLY D 217 30.21 17.34 3.37
N VAL D 218 30.72 18.48 3.81
CA VAL D 218 31.52 19.39 3.01
C VAL D 218 32.79 19.59 3.83
N GLY D 219 33.85 18.90 3.42
CA GLY D 219 35.11 18.97 4.13
C GLY D 219 35.96 20.20 3.93
N ASN D 220 35.82 20.82 2.76
CA ASN D 220 36.58 22.02 2.43
C ASN D 220 35.66 23.05 1.79
N ALA D 221 35.43 24.14 2.51
CA ALA D 221 34.56 25.23 2.07
C ALA D 221 34.87 25.78 0.68
N ALA D 222 36.12 25.61 0.23
CA ALA D 222 36.56 26.12 -1.07
C ALA D 222 36.07 25.28 -2.24
N GLU D 223 35.74 24.02 -1.99
CA GLU D 223 35.25 23.13 -3.04
C GLU D 223 33.81 22.73 -2.69
N PHE D 224 33.02 23.75 -2.36
CA PHE D 224 31.63 23.60 -1.97
C PHE D 224 30.68 23.03 -3.03
N GLU D 225 29.68 22.30 -2.54
CA GLU D 225 28.62 21.68 -3.34
C GLU D 225 27.46 21.38 -2.41
N THR D 226 26.25 21.33 -2.98
CA THR D 226 25.05 21.04 -2.19
C THR D 226 24.79 19.54 -2.12
N HIS D 227 24.01 19.14 -1.12
CA HIS D 227 23.64 17.73 -0.93
C HIS D 227 22.19 17.80 -0.51
N ASP D 228 21.34 18.07 -1.50
CA ASP D 228 19.92 18.24 -1.29
C ASP D 228 19.07 17.06 -1.73
N VAL D 229 18.25 16.53 -0.83
CA VAL D 229 17.35 15.45 -1.21
C VAL D 229 15.98 16.12 -1.38
N LEU D 230 15.33 15.82 -2.50
CA LEU D 230 14.04 16.41 -2.87
C LEU D 230 12.80 15.68 -2.40
N SER D 231 12.86 14.35 -2.44
CA SER D 231 11.73 13.50 -2.04
C SER D 231 12.26 12.21 -1.45
N TRP D 232 11.42 11.50 -0.72
CA TRP D 232 11.85 10.25 -0.09
C TRP D 232 10.70 9.28 0.21
N TYR D 233 10.79 8.10 -0.37
CA TYR D 233 9.83 7.03 -0.16
C TYR D 233 10.57 5.88 0.51
N PHE D 234 9.92 5.23 1.45
CA PHE D 234 10.53 4.11 2.15
C PHE D 234 9.50 3.14 2.67
N THR D 235 9.83 1.86 2.57
CA THR D 235 8.96 0.80 3.06
C THR D 235 9.78 -0.41 3.46
N SER D 236 9.41 -1.02 4.58
CA SER D 236 10.10 -2.21 5.05
C SER D 236 9.04 -3.22 5.47
N ASN D 237 9.42 -4.49 5.57
CA ASN D 237 8.47 -5.52 5.97
C ASN D 237 9.12 -6.80 6.47
N LEU D 238 8.69 -7.25 7.66
CA LEU D 238 9.20 -8.47 8.28
C LEU D 238 8.43 -9.75 7.86
N GLU D 239 9.09 -10.60 7.07
C1 GAL E . -43.00 -5.08 -8.62
C2 GAL E . -41.55 -5.50 -8.37
C3 GAL E . -41.10 -5.16 -6.97
C4 GAL E . -41.39 -3.71 -6.67
C5 GAL E . -42.88 -3.47 -6.87
C6 GAL E . -43.32 -2.05 -6.54
O1 GAL E . -43.28 -5.19 -9.97
O2 GAL E . -41.43 -6.91 -8.56
O3 GAL E . -39.71 -5.42 -6.85
O4 GAL E . -40.64 -2.90 -7.56
O5 GAL E . -43.22 -3.72 -8.24
O6 GAL E . -44.73 -1.92 -6.69
C1 FUC E . -40.76 -7.31 -9.71
C2 FUC E . -39.96 -8.56 -9.39
C3 FUC E . -40.92 -9.67 -8.94
C4 FUC E . -41.98 -9.91 -10.03
C5 FUC E . -42.67 -8.59 -10.39
C6 FUC E . -43.62 -8.75 -11.57
O2 FUC E . -39.01 -8.27 -8.36
O3 FUC E . -40.20 -10.87 -8.71
O4 FUC E . -41.37 -10.47 -11.18
O5 FUC E . -41.69 -7.60 -10.75
C1 GAL F . 16.33 -18.38 -36.51
C2 GAL F . 15.45 -17.39 -35.72
C3 GAL F . 16.25 -16.73 -34.59
C4 GAL F . 16.86 -17.82 -33.73
C5 GAL F . 17.75 -18.69 -34.62
C6 GAL F . 18.49 -19.78 -33.87
O1 GAL F . 15.58 -19.08 -37.45
O2 GAL F . 14.96 -16.36 -36.60
O3 GAL F . 15.39 -15.91 -33.81
O4 GAL F . 15.83 -18.62 -33.16
O5 GAL F . 16.94 -19.33 -35.62
O6 GAL F . 19.50 -20.35 -34.68
C1 FUC F . 13.60 -16.45 -36.93
C2 FUC F . 12.85 -15.24 -36.35
C3 FUC F . 13.29 -13.95 -37.07
C4 FUC F . 13.12 -14.11 -38.58
C5 FUC F . 13.86 -15.36 -39.06
C6 FUC F . 13.63 -15.64 -40.53
O2 FUC F . 13.12 -15.13 -34.96
O3 FUC F . 12.50 -12.86 -36.61
O4 FUC F . 11.75 -14.22 -38.91
O5 FUC F . 13.41 -16.52 -38.34
C1 GLC G . -11.55 7.13 46.39
C2 GLC G . -12.60 6.08 46.00
C3 GLC G . -12.60 5.80 44.50
C4 GLC G . -12.61 7.09 43.68
C5 GLC G . -11.51 8.04 44.20
C6 GLC G . -11.46 9.38 43.49
O1 GLC G . -11.71 7.51 47.71
O2 GLC G . -12.33 4.87 46.70
O3 GLC G . -13.73 5.01 44.17
O4 GLC G . -12.36 6.79 42.30
O5 GLC G . -11.71 8.31 45.59
O6 GLC G . -11.16 10.43 44.40
C1 GAL G . -13.43 6.38 41.50
C2 GAL G . -13.12 6.81 40.06
C3 GAL G . -14.11 6.20 39.08
C4 GAL G . -14.12 4.69 39.26
C5 GAL G . -14.52 4.41 40.71
C6 GAL G . -14.65 2.92 41.01
O2 GAL G . -13.19 8.25 39.96
O3 GAL G . -13.71 6.52 37.75
O4 GAL G . -12.82 4.19 39.01
O5 GAL G . -13.52 4.95 41.59
O6 GAL G . -15.28 2.71 42.27
C1 FUC G . -11.95 8.90 39.86
C2 FUC G . -11.83 9.58 38.49
C3 FUC G . -12.84 10.73 38.39
C4 FUC G . -12.66 11.70 39.56
C5 FUC G . -12.75 10.95 40.87
C6 FUC G . -12.44 11.83 42.07
O2 FUC G . -12.09 8.62 37.48
O3 FUC G . -12.65 11.42 37.15
O4 FUC G . -11.40 12.35 39.47
O5 FUC G . -11.77 9.87 40.88
C1 GAL H . 40.01 17.80 3.08
C2 GAL H . 38.87 16.80 3.38
C3 GAL H . 38.39 16.10 2.11
C4 GAL H . 38.03 17.15 1.06
C5 GAL H . 39.26 18.00 0.81
C6 GAL H . 39.06 19.05 -0.27
O1 GAL H . 40.29 18.56 4.20
O2 GAL H . 39.32 15.81 4.31
O3 GAL H . 37.27 15.28 2.40
O4 GAL H . 36.96 17.95 1.57
O5 GAL H . 39.63 18.69 2.03
O6 GAL H . 40.30 19.62 -0.66
C1 FUC H . 38.83 15.94 5.61
C2 FUC H . 37.92 14.74 5.95
C3 FUC H . 38.76 13.46 6.04
C4 FUC H . 39.91 13.66 7.02
C5 FUC H . 40.73 14.89 6.64
C6 FUC H . 41.80 15.20 7.67
O2 FUC H . 36.93 14.60 4.93
O3 FUC H . 37.95 12.37 6.45
O4 FUC H . 39.41 13.82 8.35
O5 FUC H . 39.87 16.05 6.57
MN MN I . -33.91 -8.14 1.59
CA CA J . -36.44 -6.46 -1.58
C1 NAG K . -31.38 -20.09 -12.90
C2 NAG K . -32.13 -20.84 -14.00
C3 NAG K . -31.43 -22.17 -14.26
C4 NAG K . -30.01 -21.89 -14.73
C5 NAG K . -29.25 -20.80 -13.89
C6 NAG K . -28.23 -20.10 -14.79
C7 NAG K . -34.48 -21.23 -14.47
C8 NAG K . -35.87 -21.32 -13.87
N2 NAG K . -33.51 -21.00 -13.59
O3 NAG K . -32.11 -22.91 -15.27
O4 NAG K . -29.26 -23.10 -14.73
O5 NAG K . -30.10 -19.71 -13.42
O6 NAG K . -27.13 -20.93 -15.11
O7 NAG K . -34.29 -21.48 -15.67
MN MN L . 16.81 -6.80 -29.64
CA CA M . 16.60 -11.00 -31.02
C1 NAG N . 0.43 -7.92 -38.39
C2 NAG N . -0.38 -8.42 -39.56
C3 NAG N . -1.54 -7.47 -39.80
C4 NAG N . -2.40 -7.43 -38.54
C5 NAG N . -1.60 -7.29 -37.21
C6 NAG N . -2.37 -7.95 -36.08
C7 NAG N . 0.21 -9.36 -41.72
C8 NAG N . 1.25 -9.41 -42.81
N2 NAG N . 0.50 -8.54 -40.71
O3 NAG N . -2.33 -7.93 -40.89
O4 NAG N . -3.35 -6.38 -38.65
O5 NAG N . -0.33 -7.98 -37.20
O6 NAG N . -3.53 -7.23 -35.72
O7 NAG N . -0.87 -9.94 -41.85
MN MN O . -17.60 9.06 28.70
CA CA P . -15.98 7.20 32.64
C1 NAG Q . -3.22 20.18 33.57
C2 NAG Q . -2.75 20.89 34.81
C3 NAG Q . -2.05 22.16 34.35
C4 NAG Q . -0.84 21.76 33.52
C5 NAG Q . -1.11 20.66 32.44
C6 NAG Q . 0.16 19.86 32.20
C7 NAG Q . -3.79 21.39 36.94
C8 NAG Q . -5.10 21.58 37.67
N2 NAG Q . -3.91 21.14 35.64
O3 NAG Q . -1.61 22.90 35.48
O4 NAG Q . -0.32 22.93 32.88
O5 NAG Q . -2.08 19.66 32.87
O6 NAG Q . 1.14 20.62 31.50
O7 NAG Q . -2.70 21.56 37.52
MN MN R . 34.14 6.10 -0.79
CA CA S . 35.21 10.55 -0.11
C1 NAG T . 34.16 7.44 17.97
C2 NAG T . 35.10 7.93 19.06
C3 NAG T . 35.02 6.94 20.22
C4 NAG T . 33.59 6.93 20.76
C5 NAG T . 32.48 6.87 19.66
C6 NAG T . 31.24 7.56 20.18
C7 NAG T . 37.36 8.80 19.07
C8 NAG T . 38.68 8.84 18.31
N2 NAG T . 36.43 8.05 18.50
O3 NAG T . 35.92 7.33 21.27
O4 NAG T . 33.44 5.83 21.66
O5 NAG T . 32.81 7.61 18.44
O6 NAG T . 30.60 6.81 21.20
O7 NAG T . 37.25 9.33 20.18
#